data_6R1F
#
_entry.id   6R1F
#
_cell.length_a   86.500
_cell.length_b   157.260
_cell.length_c   78.000
_cell.angle_alpha   90.00
_cell.angle_beta   90.00
_cell.angle_gamma   90.00
#
_symmetry.space_group_name_H-M   'P 21 21 2'
#
loop_
_entity.id
_entity.type
_entity.pdbx_description
1 polymer 'Ferric enterobactin receptor'
2 non-polymer 'FE (III) ION'
3 non-polymer "N,N',N''-[(3S,7S,11S)-2,6,10-trioxo-1,5,9-trioxacyclododecane-3,7,11-triyl]tris(2,3-dihydroxybenzamide)"
4 water water
#
_entity_poly.entity_id   1
_entity_poly.type   'polypeptide(L)'
_entity_poly.pdbx_seq_one_letter_code
;AGQGDGSVIELGEQTVVATAQEETKQAPGVSIITAEDIAKRPPSNDLSQIIRTMPGVNLTGNSSSGQRGNNRQIDIRGMG
PENTLILVDGKPVSSRNSVRYGWRGERDSRGDTNWVPADQVERIEVIRGPAAARYGNGAAGGVVNIITKQAGAETHGNLS
VYSNFPQHKAEGASERMSFGLNGPLTENLSYRVYGNIAKTDSDDWDINAGHESNRTGKQAGTLPAGREGVRNKDIDGLLS
WRLTPEQTLEFEAGFSRQGNIYTGDTQNTNSNNYVKQMLGHETNRMYRETYSVTHRGEWDFGSSLAYLQYEKTRNSRINE
GLAGGTEGIFDPNNAGFYTATLRDLTAHGEVNLPLHLGYEQTLTLGSEWTEQKLDDPSSNTQNTEEGGSIPGLAGKNRSS
SSSARIFSLFAEDNIELMPGTMLTPGLRWDHHDIVGDNWSPSLNLSHALTERVTLKAGIARAYKAPNLYQLNPDYLLYSA
GQGCYGQSTSCYLRGNDGLKAETSVNKELGIEYSHDGLVAGLTYFRNDYKNKIESGLSPVDHASGGKGDYANAAIYQWEN
VPKAVVEGLEGTLTLPLADGLKWSNNLTYMLQSKNKETGDVLSVTPRYTLNSMLDWQATDDLSLQATVTWYGKQKPKKYD
YHGDRVTGSANDQLSPYAIAGLGGTYRLSKNLSLGAGVDNLFDKRLFRAGNAQGVVGIDGAGAATYNEPGRTFYTSLTAS
F
;
_entity_poly.pdbx_strand_id   A
#
loop_
_chem_comp.id
_chem_comp.type
_chem_comp.name
_chem_comp.formula
EB4 non-polymer N,N',N''-[(3S,7S,11S)-2,6,10-trioxo-1,5,9-trioxacyclododecane-3,7,11-triyl]tris(2,3-dihydroxybenzamide) 'C30 H27 N3 O15'
FE non-polymer 'FE (III) ION' 'Fe 3'
#
# COMPACT_ATOMS: atom_id res chain seq x y z
N THR A 24 -1.33 25.35 -1.73
CA THR A 24 -0.08 24.59 -1.48
C THR A 24 -0.35 23.10 -1.82
N LYS A 25 0.71 22.31 -1.87
CA LYS A 25 0.63 20.84 -2.12
C LYS A 25 0.62 20.12 -0.77
N GLN A 26 0.86 20.84 0.33
CA GLN A 26 0.92 20.25 1.71
C GLN A 26 0.13 21.14 2.68
N ALA A 27 -1.07 20.69 3.09
CA ALA A 27 -1.77 21.18 4.30
C ALA A 27 -1.53 20.16 5.42
N PRO A 28 -1.90 20.49 6.67
CA PRO A 28 -1.87 19.52 7.77
C PRO A 28 -2.80 18.33 7.49
N GLY A 29 -2.21 17.13 7.43
CA GLY A 29 -2.93 15.86 7.26
C GLY A 29 -3.08 15.47 5.80
N VAL A 30 -2.78 16.37 4.86
CA VAL A 30 -3.10 16.17 3.42
C VAL A 30 -1.94 16.58 2.53
N SER A 31 -1.76 15.86 1.42
CA SER A 31 -0.74 16.11 0.39
C SER A 31 -1.36 15.89 -1.00
N ILE A 32 -1.14 16.81 -1.93
CA ILE A 32 -1.36 16.61 -3.39
C ILE A 32 -0.02 16.43 -4.07
N ILE A 33 0.10 15.41 -4.90
CA ILE A 33 1.18 15.27 -5.93
C ILE A 33 0.55 15.55 -7.30
N THR A 34 1.07 16.55 -8.04
CA THR A 34 0.53 17.00 -9.34
C THR A 34 1.22 16.23 -10.48
N ALA A 35 0.68 16.34 -11.69
CA ALA A 35 1.27 15.76 -12.90
C ALA A 35 2.68 16.29 -13.04
N GLU A 36 2.85 17.59 -12.86
CA GLU A 36 4.16 18.31 -12.96
C GLU A 36 5.21 17.65 -12.02
N ASP A 37 4.81 17.26 -10.81
CA ASP A 37 5.73 16.62 -9.81
C ASP A 37 6.17 15.25 -10.38
N ILE A 38 5.22 14.50 -10.91
CA ILE A 38 5.47 13.13 -11.46
C ILE A 38 6.53 13.25 -12.56
N ALA A 39 6.53 14.34 -13.30
CA ALA A 39 7.37 14.52 -14.51
C ALA A 39 8.81 14.91 -14.10
N LYS A 40 8.98 15.49 -12.92
CA LYS A 40 10.29 16.06 -12.51
C LYS A 40 11.03 15.07 -11.61
N ARG A 41 10.28 14.13 -11.00
CA ARG A 41 10.83 12.95 -10.28
C ARG A 41 10.16 11.69 -10.85
N PRO A 42 10.42 11.36 -12.12
CA PRO A 42 9.80 10.20 -12.77
C PRO A 42 10.02 8.90 -12.01
N PRO A 43 8.94 8.14 -11.73
CA PRO A 43 9.06 6.80 -11.17
C PRO A 43 9.54 5.79 -12.21
N SER A 44 10.38 4.83 -11.81
CA SER A 44 10.78 3.69 -12.67
C SER A 44 9.54 3.07 -13.30
N ASN A 45 8.56 2.71 -12.48
CA ASN A 45 7.35 1.93 -12.88
C ASN A 45 6.22 2.23 -11.89
N ASP A 46 6.32 1.69 -10.69
CA ASP A 46 5.31 1.81 -9.60
C ASP A 46 5.30 3.22 -8.95
N LEU A 47 4.13 3.74 -8.64
CA LEU A 47 3.96 5.11 -8.08
C LEU A 47 4.41 5.17 -6.64
N SER A 48 4.56 4.03 -5.96
CA SER A 48 4.97 4.02 -4.55
C SER A 48 6.21 4.92 -4.44
N GLN A 49 7.05 4.89 -5.47
CA GLN A 49 8.35 5.59 -5.51
C GLN A 49 8.15 7.07 -5.18
N ILE A 50 7.09 7.70 -5.72
CA ILE A 50 6.85 9.16 -5.52
C ILE A 50 5.85 9.38 -4.38
N ILE A 51 4.87 8.50 -4.24
CA ILE A 51 3.84 8.61 -3.17
C ILE A 51 4.57 8.65 -1.82
N ARG A 52 5.66 7.89 -1.68
CA ARG A 52 6.35 7.64 -0.37
C ARG A 52 7.11 8.87 0.15
N THR A 53 7.21 9.93 -0.66
CA THR A 53 7.96 11.17 -0.36
C THR A 53 7.03 12.17 0.34
N MET A 54 5.75 11.88 0.42
CA MET A 54 4.81 12.74 1.16
C MET A 54 5.09 12.61 2.65
N PRO A 55 4.82 13.67 3.42
CA PRO A 55 4.94 13.59 4.86
C PRO A 55 3.99 12.52 5.38
N GLY A 56 4.42 11.73 6.36
CA GLY A 56 3.59 10.73 7.04
C GLY A 56 3.61 9.40 6.33
N VAL A 57 4.29 9.33 5.20
CA VAL A 57 4.24 8.10 4.33
C VAL A 57 5.59 7.42 4.33
N ASN A 58 5.59 6.10 4.59
CA ASN A 58 6.78 5.23 4.55
C ASN A 58 6.51 4.10 3.53
N LEU A 59 7.54 3.34 3.22
CA LEU A 59 7.49 2.16 2.34
C LEU A 59 8.00 0.99 3.16
N THR A 60 7.09 0.16 3.63
CA THR A 60 7.34 -0.84 4.70
C THR A 60 6.61 -2.16 4.33
N GLY A 61 6.89 -3.23 5.05
CA GLY A 61 6.02 -4.42 5.13
C GLY A 61 4.89 -4.17 6.11
N ASN A 62 4.00 -5.14 6.27
CA ASN A 62 2.79 -4.96 7.12
C ASN A 62 3.09 -5.26 8.59
N SER A 63 3.91 -6.25 8.87
CA SER A 63 4.44 -6.53 10.22
C SER A 63 5.96 -6.56 10.14
N SER A 64 6.65 -7.30 11.00
CA SER A 64 8.08 -7.08 11.33
C SER A 64 8.92 -8.33 11.06
N SER A 65 8.37 -9.36 10.42
CA SER A 65 9.08 -10.62 10.08
C SER A 65 10.23 -10.34 9.08
N GLY A 66 10.04 -9.38 8.18
CA GLY A 66 10.98 -9.11 7.09
C GLY A 66 10.75 -10.03 5.90
N GLN A 67 9.84 -11.00 6.06
CA GLN A 67 9.30 -11.88 5.00
C GLN A 67 8.84 -11.04 3.84
N ARG A 68 9.22 -11.43 2.62
CA ARG A 68 8.82 -10.73 1.38
C ARG A 68 9.25 -9.29 1.47
N GLY A 69 10.41 -9.04 2.07
CA GLY A 69 10.94 -7.71 2.48
C GLY A 69 11.33 -6.79 1.32
N ASN A 70 11.48 -7.30 0.11
CA ASN A 70 11.71 -6.48 -1.11
C ASN A 70 10.37 -6.17 -1.75
N ASN A 71 9.26 -6.56 -1.12
CA ASN A 71 7.89 -6.32 -1.62
C ASN A 71 7.23 -5.28 -0.73
N ARG A 72 7.85 -4.12 -0.55
CA ARG A 72 7.39 -3.07 0.41
C ARG A 72 6.31 -2.23 -0.26
N GLN A 73 5.35 -1.76 0.53
CA GLN A 73 4.13 -1.08 0.06
C GLN A 73 3.94 0.20 0.88
N ILE A 74 3.05 1.09 0.44
CA ILE A 74 2.84 2.43 1.04
C ILE A 74 2.18 2.27 2.42
N ASP A 75 2.82 2.85 3.45
CA ASP A 75 2.35 2.89 4.85
C ASP A 75 2.15 4.35 5.24
N ILE A 76 0.99 4.66 5.77
CA ILE A 76 0.67 6.00 6.34
C ILE A 76 0.77 5.95 7.87
N ARG A 77 1.67 6.73 8.43
CA ARG A 77 1.79 6.94 9.90
C ARG A 77 1.98 5.60 10.61
N GLY A 78 2.72 4.68 9.98
CA GLY A 78 3.20 3.45 10.63
C GLY A 78 2.07 2.47 10.92
N MET A 79 0.91 2.67 10.30
CA MET A 79 -0.31 1.88 10.53
C MET A 79 -0.28 0.66 9.59
N GLY A 80 0.76 0.52 8.78
CA GLY A 80 0.92 -0.61 7.86
C GLY A 80 0.10 -0.42 6.60
N PRO A 81 0.43 -1.16 5.52
CA PRO A 81 -0.14 -0.94 4.20
C PRO A 81 -1.54 -1.57 3.98
N GLU A 82 -1.94 -2.46 4.86
CA GLU A 82 -3.32 -3.00 4.92
C GLU A 82 -4.29 -1.90 5.39
N ASN A 83 -3.77 -0.85 5.98
CA ASN A 83 -4.60 0.27 6.51
C ASN A 83 -4.42 1.50 5.64
N THR A 84 -3.87 1.31 4.44
CA THR A 84 -3.75 2.32 3.38
C THR A 84 -4.67 1.93 2.23
N LEU A 85 -5.76 2.65 2.07
CA LEU A 85 -6.80 2.44 1.03
C LEU A 85 -6.41 3.16 -0.26
N ILE A 86 -6.17 2.40 -1.33
CA ILE A 86 -5.84 2.89 -2.70
C ILE A 86 -7.13 3.06 -3.53
N LEU A 87 -7.42 4.27 -3.97
CA LEU A 87 -8.53 4.57 -4.91
C LEU A 87 -7.94 4.98 -6.27
N VAL A 88 -8.65 4.68 -7.34
CA VAL A 88 -8.44 5.28 -8.67
C VAL A 88 -9.71 6.02 -9.08
N ASP A 89 -9.66 7.35 -9.07
CA ASP A 89 -10.79 8.25 -9.41
C ASP A 89 -11.92 7.92 -8.44
N GLY A 90 -11.56 7.78 -7.16
CA GLY A 90 -12.51 7.65 -6.03
C GLY A 90 -13.07 6.24 -5.87
N LYS A 91 -12.53 5.26 -6.58
CA LYS A 91 -13.07 3.86 -6.66
C LYS A 91 -12.02 2.87 -6.14
N PRO A 92 -12.34 2.10 -5.06
CA PRO A 92 -11.36 1.24 -4.40
C PRO A 92 -10.67 0.22 -5.33
N VAL A 93 -9.39 -0.01 -5.07
CA VAL A 93 -8.58 -1.15 -5.58
C VAL A 93 -8.41 -2.17 -4.45
N SER A 94 -8.85 -3.43 -4.67
CA SER A 94 -8.88 -4.50 -3.63
C SER A 94 -7.99 -5.67 -4.02
N SER A 95 -7.29 -5.61 -5.16
CA SER A 95 -6.66 -6.75 -5.87
C SER A 95 -5.69 -7.52 -4.96
N ARG A 96 -5.00 -6.86 -4.05
CA ARG A 96 -4.01 -7.54 -3.18
C ARG A 96 -4.72 -8.51 -2.25
N ASN A 97 -6.00 -8.28 -1.95
CA ASN A 97 -6.86 -9.16 -1.12
C ASN A 97 -7.01 -10.55 -1.77
N SER A 98 -6.53 -10.72 -3.01
CA SER A 98 -6.50 -12.01 -3.76
C SER A 98 -5.23 -12.84 -3.46
N VAL A 99 -4.25 -12.29 -2.74
CA VAL A 99 -2.97 -12.98 -2.40
C VAL A 99 -3.02 -13.51 -0.97
N ARG A 100 -2.61 -14.76 -0.76
CA ARG A 100 -2.64 -15.40 0.57
C ARG A 100 -2.06 -14.45 1.60
N TYR A 101 -2.78 -14.19 2.69
CA TYR A 101 -2.31 -13.46 3.92
C TYR A 101 -1.67 -14.45 4.89
N GLY A 102 -0.36 -14.31 5.11
CA GLY A 102 0.47 -15.30 5.83
C GLY A 102 0.50 -15.07 7.33
N TRP A 103 1.07 -16.03 8.06
CA TRP A 103 1.13 -16.11 9.54
C TRP A 103 1.58 -14.75 10.11
N ARG A 104 2.54 -14.09 9.45
CA ARG A 104 3.21 -12.88 9.96
C ARG A 104 2.66 -11.64 9.27
N GLY A 105 1.47 -11.72 8.65
CA GLY A 105 0.73 -10.54 8.15
C GLY A 105 1.34 -9.96 6.89
N GLU A 106 2.00 -10.80 6.10
CA GLU A 106 2.54 -10.41 4.77
C GLU A 106 1.91 -11.26 3.70
N ARG A 107 1.69 -10.65 2.52
CA ARG A 107 1.29 -11.31 1.27
C ARG A 107 2.48 -11.26 0.30
N ASP A 108 2.62 -12.25 -0.55
CA ASP A 108 3.58 -12.20 -1.68
C ASP A 108 2.95 -11.33 -2.75
N SER A 109 2.85 -10.04 -2.48
CA SER A 109 2.17 -9.03 -3.33
C SER A 109 3.08 -7.82 -3.48
N ARG A 110 3.05 -7.17 -4.65
CA ARG A 110 3.82 -5.93 -4.91
C ARG A 110 2.97 -4.71 -4.49
N GLY A 111 1.75 -4.95 -3.98
CA GLY A 111 0.79 -3.89 -3.60
C GLY A 111 0.00 -3.46 -4.79
N ASP A 112 -0.73 -2.35 -4.67
CA ASP A 112 -1.85 -1.92 -5.57
C ASP A 112 -1.66 -0.47 -6.06
N THR A 113 -0.41 0.01 -6.18
CA THR A 113 -0.07 1.35 -6.66
C THR A 113 0.52 1.30 -8.07
N ASN A 114 0.54 0.11 -8.70
CA ASN A 114 1.17 -0.11 -10.03
C ASN A 114 0.12 -0.48 -11.09
N TRP A 115 -1.15 -0.20 -10.85
CA TRP A 115 -2.26 -0.49 -11.81
C TRP A 115 -2.42 0.65 -12.83
N VAL A 116 -2.20 1.90 -12.41
CA VAL A 116 -2.30 3.11 -13.27
C VAL A 116 -0.90 3.56 -13.67
N PRO A 117 -0.63 3.77 -14.98
CA PRO A 117 0.68 4.19 -15.43
C PRO A 117 0.96 5.65 -15.10
N ALA A 118 2.15 5.94 -14.61
CA ALA A 118 2.57 7.25 -14.04
C ALA A 118 2.12 8.43 -14.94
N ASP A 119 2.34 8.31 -16.25
CA ASP A 119 2.23 9.47 -17.18
C ASP A 119 0.75 9.75 -17.53
N GLN A 120 -0.17 8.86 -17.18
CA GLN A 120 -1.62 9.11 -17.40
C GLN A 120 -2.28 9.61 -16.11
N VAL A 121 -1.51 9.85 -15.04
CA VAL A 121 -2.04 10.39 -13.78
C VAL A 121 -2.09 11.90 -13.86
N GLU A 122 -3.25 12.49 -13.60
CA GLU A 122 -3.44 13.95 -13.44
C GLU A 122 -2.87 14.37 -12.08
N ARG A 123 -3.33 13.76 -10.99
CA ARG A 123 -2.78 14.05 -9.64
C ARG A 123 -3.08 12.92 -8.65
N ILE A 124 -2.36 12.88 -7.54
CA ILE A 124 -2.53 11.90 -6.46
C ILE A 124 -2.85 12.65 -5.16
N GLU A 125 -3.92 12.26 -4.48
CA GLU A 125 -4.33 12.83 -3.19
C GLU A 125 -3.97 11.85 -2.08
N VAL A 126 -3.24 12.30 -1.07
CA VAL A 126 -2.95 11.49 0.15
C VAL A 126 -3.63 12.15 1.34
N ILE A 127 -4.53 11.43 1.98
CA ILE A 127 -5.30 11.89 3.15
C ILE A 127 -4.95 11.01 4.34
N ARG A 128 -4.39 11.60 5.39
CA ARG A 128 -3.81 10.86 6.52
C ARG A 128 -4.64 11.12 7.79
N GLY A 129 -4.99 10.04 8.50
CA GLY A 129 -5.47 10.06 9.88
C GLY A 129 -6.93 10.48 9.94
N PRO A 130 -7.30 11.32 10.93
CA PRO A 130 -8.71 11.58 11.24
C PRO A 130 -9.54 12.09 10.06
N ALA A 131 -8.91 12.76 9.09
CA ALA A 131 -9.54 13.27 7.86
C ALA A 131 -9.86 12.11 6.88
N ALA A 132 -9.32 10.90 7.12
CA ALA A 132 -9.45 9.73 6.22
C ALA A 132 -10.48 8.71 6.78
N ALA A 133 -10.79 8.77 8.07
CA ALA A 133 -11.64 7.78 8.77
C ALA A 133 -13.02 7.73 8.11
N ARG A 134 -13.48 8.85 7.55
CA ARG A 134 -14.81 9.01 6.91
C ARG A 134 -14.90 8.14 5.65
N TYR A 135 -13.79 7.61 5.16
CA TYR A 135 -13.78 6.71 3.97
C TYR A 135 -14.01 5.27 4.40
N GLY A 136 -13.89 5.01 5.69
CA GLY A 136 -14.32 3.76 6.32
C GLY A 136 -13.26 2.69 6.19
N ASN A 137 -13.63 1.54 5.65
CA ASN A 137 -12.93 0.25 5.87
C ASN A 137 -11.57 0.29 5.20
N GLY A 138 -10.52 0.31 6.04
CA GLY A 138 -9.11 0.14 5.67
C GLY A 138 -8.42 1.46 5.44
N ALA A 139 -9.00 2.56 5.95
CA ALA A 139 -8.45 3.94 5.84
C ALA A 139 -7.86 4.38 7.18
N ALA A 140 -7.68 3.45 8.11
CA ALA A 140 -7.20 3.71 9.49
C ALA A 140 -5.83 4.39 9.45
N GLY A 141 -5.00 4.08 8.44
CA GLY A 141 -3.74 4.81 8.14
C GLY A 141 -4.04 6.05 7.32
N GLY A 142 -4.52 5.83 6.09
CA GLY A 142 -5.03 6.90 5.24
C GLY A 142 -5.53 6.41 3.89
N VAL A 143 -5.87 7.36 3.03
CA VAL A 143 -6.34 7.14 1.64
C VAL A 143 -5.31 7.73 0.69
N VAL A 144 -5.00 6.99 -0.36
CA VAL A 144 -4.25 7.45 -1.56
C VAL A 144 -5.23 7.34 -2.73
N ASN A 145 -5.62 8.46 -3.32
CA ASN A 145 -6.56 8.52 -4.48
C ASN A 145 -5.77 8.95 -5.71
N ILE A 146 -5.51 8.01 -6.63
CA ILE A 146 -4.77 8.24 -7.91
C ILE A 146 -5.76 8.74 -8.96
N ILE A 147 -5.67 10.01 -9.37
CA ILE A 147 -6.66 10.63 -10.29
C ILE A 147 -6.07 10.69 -11.69
N THR A 148 -6.87 10.25 -12.68
CA THR A 148 -6.44 10.09 -14.07
C THR A 148 -6.76 11.37 -14.82
N LYS A 149 -6.03 11.64 -15.90
CA LYS A 149 -6.30 12.74 -16.84
C LYS A 149 -7.59 12.41 -17.60
N GLN A 150 -8.43 13.44 -17.78
CA GLN A 150 -9.79 13.37 -18.38
C GLN A 150 -9.82 14.13 -19.71
N ALA A 151 -10.86 13.90 -20.51
CA ALA A 151 -11.15 14.65 -21.75
C ALA A 151 -11.29 16.14 -21.43
N GLY A 152 -11.13 17.00 -22.45
CA GLY A 152 -11.32 18.46 -22.32
C GLY A 152 -12.59 18.91 -23.03
N ALA A 153 -12.59 20.15 -23.54
CA ALA A 153 -13.57 20.66 -24.53
C ALA A 153 -13.17 20.18 -25.94
N GLU A 154 -11.85 20.21 -26.26
CA GLU A 154 -11.27 19.67 -27.53
C GLU A 154 -10.74 18.26 -27.31
N THR A 155 -10.17 17.64 -28.35
CA THR A 155 -9.33 16.40 -28.25
C THR A 155 -7.90 16.79 -27.85
N HIS A 156 -7.37 16.16 -26.82
CA HIS A 156 -5.93 16.14 -26.45
C HIS A 156 -5.45 14.68 -26.37
N GLY A 157 -4.13 14.48 -26.31
CA GLY A 157 -3.48 13.17 -26.18
C GLY A 157 -1.99 13.31 -25.92
N ASN A 158 -1.33 12.22 -25.51
CA ASN A 158 0.12 12.20 -25.22
C ASN A 158 0.71 10.82 -25.57
N LEU A 159 2.04 10.77 -25.70
CA LEU A 159 2.87 9.56 -25.83
C LEU A 159 4.11 9.73 -24.93
N SER A 160 4.21 8.95 -23.87
CA SER A 160 5.29 9.07 -22.85
C SER A 160 6.12 7.80 -22.83
N VAL A 161 7.44 7.96 -22.79
CA VAL A 161 8.44 6.86 -22.78
C VAL A 161 9.48 7.18 -21.73
N TYR A 162 9.84 6.21 -20.90
CA TYR A 162 10.89 6.33 -19.86
C TYR A 162 11.73 5.07 -19.87
N SER A 163 13.02 5.20 -19.63
CA SER A 163 14.04 4.14 -19.73
C SER A 163 15.15 4.49 -18.77
N ASN A 164 15.49 3.59 -17.86
CA ASN A 164 16.62 3.80 -16.91
C ASN A 164 17.73 2.78 -17.20
N PHE A 165 18.89 3.02 -16.62
CA PHE A 165 20.19 2.35 -16.92
C PHE A 165 21.02 2.27 -15.64
N PRO A 166 20.88 1.18 -14.85
CA PRO A 166 21.63 1.03 -13.62
C PRO A 166 23.14 0.93 -13.89
N GLN A 167 23.96 1.45 -12.98
CA GLN A 167 25.44 1.40 -13.01
C GLN A 167 25.91 -0.07 -12.84
N HIS A 168 25.29 -0.79 -11.91
CA HIS A 168 25.55 -2.21 -11.61
C HIS A 168 24.50 -3.07 -12.33
N LYS A 169 24.94 -4.03 -13.13
CA LYS A 169 24.09 -4.81 -14.09
C LYS A 169 23.16 -5.78 -13.33
N ALA A 170 23.58 -6.23 -12.16
CA ALA A 170 22.75 -7.06 -11.25
C ALA A 170 21.34 -6.44 -11.20
N GLU A 171 21.27 -5.16 -10.85
CA GLU A 171 20.00 -4.43 -10.59
C GLU A 171 19.23 -4.34 -11.90
N GLY A 172 17.91 -4.46 -11.83
CA GLY A 172 17.00 -4.48 -12.97
C GLY A 172 16.69 -3.09 -13.45
N ALA A 173 16.90 -2.85 -14.75
CA ALA A 173 16.49 -1.64 -15.50
C ALA A 173 14.98 -1.71 -15.76
N SER A 174 14.37 -0.55 -16.03
CA SER A 174 12.92 -0.34 -16.24
C SER A 174 12.70 0.39 -17.57
N GLU A 175 11.68 -0.03 -18.33
CA GLU A 175 11.26 0.61 -19.60
C GLU A 175 9.72 0.71 -19.61
N ARG A 176 9.20 1.83 -20.09
CA ARG A 176 7.80 2.26 -19.86
C ARG A 176 7.35 3.05 -21.10
N MET A 177 6.22 2.69 -21.69
CA MET A 177 5.58 3.40 -22.82
C MET A 177 4.07 3.48 -22.55
N SER A 178 3.52 4.68 -22.49
CA SER A 178 2.09 4.91 -22.20
C SER A 178 1.59 6.00 -23.15
N PHE A 179 0.42 5.82 -23.73
CA PHE A 179 -0.29 6.87 -24.50
C PHE A 179 -1.55 7.27 -23.73
N GLY A 180 -2.15 8.39 -24.13
CA GLY A 180 -3.47 8.86 -23.68
C GLY A 180 -4.15 9.58 -24.80
N LEU A 181 -5.46 9.56 -24.85
CA LEU A 181 -6.21 10.16 -25.98
C LEU A 181 -7.64 10.38 -25.57
N ASN A 182 -8.08 11.64 -25.56
CA ASN A 182 -9.37 12.09 -24.98
C ASN A 182 -9.95 13.19 -25.86
N GLY A 183 -11.27 13.38 -25.82
CA GLY A 183 -11.95 14.47 -26.53
C GLY A 183 -13.46 14.26 -26.66
N PRO A 184 -14.17 15.09 -27.44
CA PRO A 184 -15.60 14.93 -27.61
C PRO A 184 -15.90 13.86 -28.66
N LEU A 185 -17.18 13.51 -28.83
CA LEU A 185 -17.74 12.84 -30.03
C LEU A 185 -18.99 13.61 -30.51
N THR A 186 -19.94 13.84 -29.60
CA THR A 186 -21.08 14.80 -29.76
C THR A 186 -20.89 15.95 -28.76
N GLU A 187 -21.78 16.96 -28.77
CA GLU A 187 -21.74 18.15 -27.85
C GLU A 187 -21.95 17.70 -26.40
N ASN A 188 -22.47 16.49 -26.21
CA ASN A 188 -22.91 15.95 -24.90
C ASN A 188 -22.36 14.52 -24.71
N LEU A 189 -21.32 14.14 -25.48
CA LEU A 189 -20.57 12.84 -25.33
C LEU A 189 -19.06 13.11 -25.37
N SER A 190 -18.36 12.79 -24.28
CA SER A 190 -16.88 12.78 -24.19
C SER A 190 -16.38 11.35 -24.02
N TYR A 191 -15.10 11.14 -24.28
CA TYR A 191 -14.36 9.88 -24.01
C TYR A 191 -12.91 10.21 -23.59
N ARG A 192 -12.29 9.34 -22.82
CA ARG A 192 -10.82 9.27 -22.63
C ARG A 192 -10.37 7.81 -22.60
N VAL A 193 -9.30 7.49 -23.34
CA VAL A 193 -8.64 6.16 -23.30
C VAL A 193 -7.15 6.37 -23.05
N TYR A 194 -6.52 5.38 -22.43
CA TYR A 194 -5.04 5.23 -22.32
C TYR A 194 -4.67 3.77 -22.33
N GLY A 195 -3.39 3.52 -22.59
CA GLY A 195 -2.76 2.20 -22.61
C GLY A 195 -1.34 2.35 -22.16
N ASN A 196 -0.85 1.38 -21.40
CA ASN A 196 0.55 1.35 -20.92
C ASN A 196 1.14 -0.03 -21.19
N ILE A 197 2.38 -0.06 -21.65
CA ILE A 197 3.27 -1.26 -21.63
C ILE A 197 4.57 -0.89 -20.92
N ALA A 198 4.96 -1.68 -19.92
CA ALA A 198 6.13 -1.44 -19.06
C ALA A 198 6.74 -2.76 -18.59
N LYS A 199 8.02 -2.72 -18.22
CA LYS A 199 8.79 -3.88 -17.71
C LYS A 199 9.87 -3.33 -16.76
N THR A 200 9.94 -3.91 -15.57
CA THR A 200 11.06 -3.76 -14.62
C THR A 200 11.72 -5.14 -14.56
N ASP A 201 12.92 -5.26 -15.09
CA ASP A 201 13.76 -6.50 -15.03
C ASP A 201 13.99 -6.79 -13.54
N SER A 202 14.02 -8.06 -13.17
CA SER A 202 14.33 -8.53 -11.81
C SER A 202 15.77 -8.18 -11.50
N ASP A 203 16.14 -8.10 -10.23
CA ASP A 203 17.57 -8.12 -9.83
C ASP A 203 18.09 -9.51 -10.18
N ASP A 204 19.38 -9.63 -10.50
CA ASP A 204 20.05 -10.95 -10.69
C ASP A 204 19.78 -11.81 -9.47
N TRP A 205 19.64 -13.11 -9.68
CA TRP A 205 19.40 -14.15 -8.64
C TRP A 205 20.47 -14.06 -7.55
N ASP A 206 21.62 -13.43 -7.84
CA ASP A 206 22.85 -13.57 -7.01
C ASP A 206 23.24 -12.21 -6.40
N ILE A 207 22.43 -11.18 -6.58
CA ILE A 207 22.77 -9.76 -6.19
C ILE A 207 23.15 -9.69 -4.71
N ASN A 208 22.56 -10.54 -3.85
CA ASN A 208 22.77 -10.52 -2.38
C ASN A 208 23.94 -11.44 -1.96
N ALA A 209 24.64 -12.05 -2.91
CA ALA A 209 25.75 -13.00 -2.65
C ALA A 209 26.90 -12.28 -1.96
N GLY A 210 27.37 -12.83 -0.82
CA GLY A 210 28.42 -12.22 0.03
C GLY A 210 27.85 -11.26 1.04
N HIS A 211 26.54 -10.96 0.97
CA HIS A 211 25.84 -10.05 1.92
C HIS A 211 24.82 -10.83 2.76
N GLU A 212 24.44 -12.02 2.31
CA GLU A 212 23.47 -12.92 2.99
C GLU A 212 23.91 -13.16 4.44
N SER A 213 22.94 -13.34 5.35
CA SER A 213 23.12 -13.89 6.71
C SER A 213 23.82 -15.26 6.62
N ASN A 214 24.44 -15.68 7.71
CA ASN A 214 25.20 -16.95 7.81
C ASN A 214 24.23 -18.13 7.65
N ARG A 215 24.50 -19.00 6.67
CA ARG A 215 23.61 -20.12 6.28
C ARG A 215 24.42 -21.42 6.26
N THR A 216 24.06 -22.37 7.12
CA THR A 216 24.82 -23.60 7.40
C THR A 216 23.88 -24.82 7.40
N GLY A 217 24.46 -26.01 7.27
CA GLY A 217 23.73 -27.29 7.21
C GLY A 217 22.88 -27.38 5.95
N LYS A 218 21.65 -27.84 6.09
CA LYS A 218 20.67 -27.96 4.97
C LYS A 218 20.59 -26.63 4.20
N GLN A 219 20.75 -25.50 4.87
CA GLN A 219 20.41 -24.18 4.27
C GLN A 219 21.66 -23.53 3.68
N ALA A 220 22.81 -24.23 3.73
CA ALA A 220 24.05 -23.73 3.10
C ALA A 220 23.73 -23.46 1.63
N GLY A 221 24.20 -22.34 1.09
CA GLY A 221 24.01 -21.97 -0.32
C GLY A 221 22.81 -21.09 -0.56
N THR A 222 21.81 -21.09 0.35
CA THR A 222 20.52 -20.35 0.18
C THR A 222 20.78 -18.85 0.07
N LEU A 223 19.90 -18.12 -0.64
CA LEU A 223 20.06 -16.66 -0.84
C LEU A 223 18.74 -15.94 -0.52
N PRO A 224 18.81 -14.77 0.15
CA PRO A 224 17.72 -13.82 0.15
C PRO A 224 17.75 -13.09 -1.18
N ALA A 225 16.58 -12.89 -1.78
CA ALA A 225 16.41 -12.49 -3.18
C ALA A 225 16.44 -10.96 -3.29
N GLY A 226 16.81 -10.45 -4.45
CA GLY A 226 16.63 -9.04 -4.79
C GLY A 226 15.22 -8.78 -5.24
N ARG A 227 14.99 -7.61 -5.85
CA ARG A 227 13.65 -7.16 -6.28
C ARG A 227 13.14 -8.06 -7.42
N GLU A 228 11.93 -8.54 -7.26
CA GLU A 228 11.09 -9.16 -8.28
C GLU A 228 11.01 -8.19 -9.46
N GLY A 229 11.01 -8.68 -10.69
CA GLY A 229 10.65 -7.87 -11.87
C GLY A 229 9.16 -7.96 -12.11
N VAL A 230 8.61 -7.07 -12.94
CA VAL A 230 7.19 -7.11 -13.35
C VAL A 230 7.05 -6.66 -14.79
N ARG A 231 6.15 -7.29 -15.55
CA ARG A 231 5.62 -6.80 -16.86
C ARG A 231 4.20 -6.29 -16.66
N ASN A 232 3.91 -5.07 -17.10
CA ASN A 232 2.55 -4.44 -17.02
C ASN A 232 1.92 -4.32 -18.42
N LYS A 233 0.61 -4.53 -18.51
CA LYS A 233 -0.25 -4.16 -19.66
C LYS A 233 -1.55 -3.55 -19.13
N ASP A 234 -1.73 -2.27 -19.33
CA ASP A 234 -2.91 -1.52 -18.81
C ASP A 234 -3.62 -0.93 -20.03
N ILE A 235 -4.96 -1.04 -20.07
CA ILE A 235 -5.85 -0.47 -21.09
C ILE A 235 -7.09 0.01 -20.35
N ASP A 236 -7.43 1.29 -20.46
CA ASP A 236 -8.68 1.86 -19.90
C ASP A 236 -9.41 2.58 -21.03
N GLY A 237 -10.73 2.40 -21.08
CA GLY A 237 -11.66 3.21 -21.88
C GLY A 237 -12.71 3.81 -20.97
N LEU A 238 -13.04 5.08 -21.20
CA LEU A 238 -14.12 5.83 -20.51
C LEU A 238 -14.95 6.58 -21.55
N LEU A 239 -16.28 6.51 -21.42
CA LEU A 239 -17.27 7.41 -22.09
C LEU A 239 -18.01 8.21 -21.03
N SER A 240 -17.90 9.56 -21.08
CA SER A 240 -18.75 10.52 -20.33
C SER A 240 -19.96 10.94 -21.18
N TRP A 241 -21.15 10.83 -20.62
CA TRP A 241 -22.42 11.21 -21.25
C TRP A 241 -23.13 12.20 -20.34
N ARG A 242 -23.28 13.44 -20.78
CA ARG A 242 -24.05 14.48 -20.07
C ARG A 242 -25.29 14.76 -20.88
N LEU A 243 -26.33 13.98 -20.63
CA LEU A 243 -27.57 13.97 -21.43
C LEU A 243 -28.42 15.20 -21.08
N THR A 244 -28.03 15.95 -20.03
CA THR A 244 -28.71 17.21 -19.60
C THR A 244 -27.70 18.15 -18.94
N PRO A 245 -27.94 19.49 -18.97
CA PRO A 245 -27.13 20.47 -18.25
C PRO A 245 -26.69 20.02 -16.85
N GLU A 246 -27.57 19.35 -16.09
CA GLU A 246 -27.38 19.09 -14.63
C GLU A 246 -26.89 17.64 -14.40
N GLN A 247 -26.87 16.81 -15.46
CA GLN A 247 -26.82 15.33 -15.36
C GLN A 247 -25.65 14.81 -16.20
N THR A 248 -24.77 14.01 -15.59
CA THR A 248 -23.58 13.38 -16.27
C THR A 248 -23.48 11.89 -15.89
N LEU A 249 -23.26 11.05 -16.89
CA LEU A 249 -23.27 9.56 -16.78
C LEU A 249 -21.99 9.00 -17.42
N GLU A 250 -21.14 8.34 -16.62
CA GLU A 250 -19.81 7.81 -17.05
C GLU A 250 -19.84 6.27 -17.04
N PHE A 251 -19.35 5.66 -18.13
CA PHE A 251 -19.04 4.20 -18.21
C PHE A 251 -17.55 4.00 -18.50
N GLU A 252 -16.85 3.24 -17.67
CA GLU A 252 -15.44 2.87 -17.97
C GLU A 252 -15.19 1.38 -17.67
N ALA A 253 -14.33 0.78 -18.47
CA ALA A 253 -13.76 -0.56 -18.28
C ALA A 253 -12.23 -0.45 -18.19
N GLY A 254 -11.63 -1.25 -17.31
CA GLY A 254 -10.18 -1.37 -17.16
C GLY A 254 -9.73 -2.80 -17.30
N PHE A 255 -8.69 -3.03 -18.10
CA PHE A 255 -7.97 -4.33 -18.24
C PHE A 255 -6.51 -4.10 -17.92
N SER A 256 -5.98 -4.74 -16.88
CA SER A 256 -4.54 -4.71 -16.53
C SER A 256 -4.05 -6.15 -16.32
N ARG A 257 -2.75 -6.39 -16.52
CA ARG A 257 -2.04 -7.68 -16.39
C ARG A 257 -0.61 -7.43 -15.89
N GLN A 258 -0.27 -7.91 -14.71
CA GLN A 258 1.11 -7.94 -14.19
C GLN A 258 1.54 -9.40 -14.14
N GLY A 259 2.64 -9.71 -14.79
CA GLY A 259 3.37 -10.96 -14.62
C GLY A 259 4.71 -10.67 -14.03
N ASN A 260 5.20 -11.48 -13.12
CA ASN A 260 6.50 -11.22 -12.48
C ASN A 260 7.62 -11.81 -13.37
N ILE A 261 8.85 -11.50 -12.97
CA ILE A 261 10.11 -12.21 -13.30
C ILE A 261 10.71 -12.69 -11.96
N TYR A 262 10.70 -13.99 -11.73
CA TYR A 262 11.06 -14.58 -10.42
C TYR A 262 12.58 -14.51 -10.22
N THR A 263 13.05 -14.07 -9.05
CA THR A 263 14.51 -14.02 -8.72
C THR A 263 14.83 -14.69 -7.37
N GLY A 264 14.04 -15.68 -6.95
CA GLY A 264 14.41 -16.65 -5.90
C GLY A 264 13.71 -16.35 -4.58
N ASP A 265 12.94 -15.27 -4.53
CA ASP A 265 12.21 -14.82 -3.29
C ASP A 265 11.37 -16.00 -2.75
N THR A 266 11.46 -16.30 -1.46
CA THR A 266 10.65 -17.30 -0.74
C THR A 266 10.41 -16.81 0.69
N GLN A 267 9.27 -17.11 1.29
CA GLN A 267 8.93 -16.57 2.64
C GLN A 267 10.15 -16.59 3.58
N ASN A 268 10.82 -17.73 3.72
CA ASN A 268 11.84 -17.92 4.77
C ASN A 268 13.25 -17.81 4.20
N THR A 269 13.40 -17.58 2.89
CA THR A 269 14.70 -17.50 2.16
C THR A 269 15.37 -18.89 2.07
N ASN A 270 14.63 -19.96 2.42
CA ASN A 270 14.97 -21.37 2.05
C ASN A 270 14.84 -21.54 0.54
N SER A 271 15.37 -22.61 0.00
CA SER A 271 15.35 -22.92 -1.44
C SER A 271 15.08 -24.42 -1.62
N ASN A 272 14.61 -24.80 -2.80
CA ASN A 272 14.56 -26.19 -3.28
C ASN A 272 14.79 -26.14 -4.79
N ASN A 273 14.63 -27.23 -5.52
CA ASN A 273 14.98 -27.32 -6.98
C ASN A 273 13.94 -26.60 -7.85
N TYR A 274 12.67 -26.62 -7.44
CA TYR A 274 11.55 -25.97 -8.17
C TYR A 274 11.85 -24.46 -8.26
N VAL A 275 12.17 -23.87 -7.12
CA VAL A 275 12.59 -22.44 -6.99
C VAL A 275 13.61 -22.13 -8.09
N LYS A 276 14.68 -22.91 -8.16
CA LYS A 276 15.84 -22.61 -9.06
C LYS A 276 15.38 -22.75 -10.51
N GLN A 277 14.60 -23.79 -10.82
CA GLN A 277 14.00 -24.01 -12.15
C GLN A 277 13.30 -22.72 -12.64
N MET A 278 12.77 -21.91 -11.73
CA MET A 278 11.82 -20.82 -12.07
C MET A 278 12.55 -19.48 -12.11
N LEU A 279 13.84 -19.43 -11.76
CA LEU A 279 14.62 -18.18 -11.87
C LEU A 279 14.49 -17.67 -13.30
N GLY A 280 13.95 -16.46 -13.47
CA GLY A 280 13.89 -15.76 -14.76
C GLY A 280 12.55 -15.94 -15.43
N HIS A 281 11.65 -16.73 -14.85
CA HIS A 281 10.32 -17.06 -15.42
C HIS A 281 9.21 -16.37 -14.61
N GLU A 282 8.06 -16.22 -15.26
CA GLU A 282 6.78 -15.79 -14.67
C GLU A 282 6.21 -16.92 -13.82
N THR A 283 6.06 -16.66 -12.51
CA THR A 283 5.59 -17.62 -11.47
C THR A 283 4.31 -17.09 -10.82
N ASN A 284 4.00 -15.81 -10.99
CA ASN A 284 2.67 -15.21 -10.66
C ASN A 284 2.25 -14.24 -11.78
N ARG A 285 0.97 -14.29 -12.17
CA ARG A 285 0.29 -13.28 -13.01
C ARG A 285 -0.99 -12.82 -12.30
N MET A 286 -1.19 -11.52 -12.24
CA MET A 286 -2.45 -10.87 -11.82
C MET A 286 -3.08 -10.28 -13.08
N TYR A 287 -4.28 -10.73 -13.41
CA TYR A 287 -5.24 -10.02 -14.31
C TYR A 287 -6.17 -9.21 -13.40
N ARG A 288 -6.30 -7.92 -13.66
CA ARG A 288 -7.28 -7.03 -12.98
C ARG A 288 -8.19 -6.44 -14.02
N GLU A 289 -9.49 -6.72 -13.91
CA GLU A 289 -10.56 -6.14 -14.77
C GLU A 289 -11.53 -5.32 -13.93
N THR A 290 -11.76 -4.06 -14.31
CA THR A 290 -12.75 -3.15 -13.68
C THR A 290 -13.75 -2.67 -14.73
N TYR A 291 -15.03 -2.73 -14.42
CA TYR A 291 -16.10 -1.96 -15.12
C TYR A 291 -16.75 -1.08 -14.09
N SER A 292 -17.09 0.15 -14.45
CA SER A 292 -17.67 1.17 -13.53
C SER A 292 -18.74 1.96 -14.26
N VAL A 293 -19.89 2.15 -13.61
CA VAL A 293 -20.93 3.12 -13.98
C VAL A 293 -20.96 4.21 -12.92
N THR A 294 -20.88 5.47 -13.34
CA THR A 294 -20.86 6.67 -12.48
C THR A 294 -21.83 7.67 -13.06
N HIS A 295 -22.75 8.15 -12.24
CA HIS A 295 -23.70 9.25 -12.52
C HIS A 295 -23.33 10.41 -11.61
N ARG A 296 -23.27 11.61 -12.17
CA ARG A 296 -22.85 12.87 -11.48
C ARG A 296 -23.95 13.92 -11.71
N GLY A 297 -24.50 14.47 -10.62
CA GLY A 297 -25.61 15.43 -10.63
C GLY A 297 -25.21 16.76 -10.01
N GLU A 298 -25.55 17.86 -10.68
CA GLU A 298 -25.32 19.24 -10.19
C GLU A 298 -26.55 20.10 -10.52
N TRP A 299 -27.29 20.49 -9.49
CA TRP A 299 -28.47 21.39 -9.55
C TRP A 299 -28.45 22.30 -8.33
N ASP A 300 -29.44 23.19 -8.22
CA ASP A 300 -29.42 24.34 -7.28
C ASP A 300 -29.32 23.82 -5.84
N PHE A 301 -30.09 22.77 -5.49
CA PHE A 301 -30.17 22.21 -4.11
C PHE A 301 -28.80 21.71 -3.69
N GLY A 302 -27.96 21.39 -4.67
CA GLY A 302 -26.55 21.02 -4.46
C GLY A 302 -26.09 19.96 -5.45
N SER A 303 -25.23 19.03 -5.00
CA SER A 303 -24.46 18.12 -5.87
C SER A 303 -24.73 16.66 -5.47
N SER A 304 -24.73 15.73 -6.45
CA SER A 304 -25.06 14.29 -6.29
C SER A 304 -24.06 13.42 -7.07
N LEU A 305 -23.65 12.29 -6.49
CA LEU A 305 -22.67 11.32 -7.07
C LEU A 305 -22.98 9.89 -6.59
N ALA A 306 -23.03 8.92 -7.50
CA ALA A 306 -23.18 7.47 -7.19
C ALA A 306 -22.46 6.62 -8.25
N TYR A 307 -21.82 5.52 -7.82
CA TYR A 307 -21.06 4.65 -8.75
C TYR A 307 -21.29 3.18 -8.41
N LEU A 308 -21.21 2.35 -9.45
CA LEU A 308 -21.13 0.88 -9.39
C LEU A 308 -19.79 0.45 -10.00
N GLN A 309 -18.92 -0.17 -9.20
CA GLN A 309 -17.66 -0.79 -9.69
C GLN A 309 -17.74 -2.30 -9.47
N TYR A 310 -17.43 -3.08 -10.53
CA TYR A 310 -17.13 -4.53 -10.48
C TYR A 310 -15.64 -4.71 -10.81
N GLU A 311 -14.88 -5.09 -9.81
CA GLU A 311 -13.44 -5.45 -9.91
C GLU A 311 -13.32 -6.97 -9.83
N LYS A 312 -12.78 -7.60 -10.87
CA LYS A 312 -12.50 -9.07 -10.88
C LYS A 312 -11.00 -9.31 -11.03
N THR A 313 -10.37 -9.85 -10.00
CA THR A 313 -8.92 -10.12 -9.98
C THR A 313 -8.69 -11.63 -10.06
N ARG A 314 -7.88 -12.09 -11.03
CA ARG A 314 -7.37 -13.48 -11.12
C ARG A 314 -5.88 -13.49 -10.71
N ASN A 315 -5.57 -14.13 -9.59
CA ASN A 315 -4.20 -14.24 -9.04
C ASN A 315 -3.71 -15.65 -9.37
N SER A 316 -3.03 -15.84 -10.48
CA SER A 316 -2.51 -17.16 -10.92
C SER A 316 -1.04 -17.30 -10.52
N ARG A 317 -0.74 -18.25 -9.65
CA ARG A 317 0.66 -18.45 -9.19
C ARG A 317 0.90 -19.91 -8.85
N ILE A 318 2.17 -20.27 -8.83
CA ILE A 318 2.66 -21.63 -8.53
C ILE A 318 2.25 -21.96 -7.11
N ASN A 319 1.71 -23.17 -6.90
CA ASN A 319 1.26 -23.69 -5.57
C ASN A 319 2.43 -23.53 -4.60
N GLU A 320 2.17 -23.10 -3.36
CA GLU A 320 3.21 -22.99 -2.30
C GLU A 320 2.75 -23.84 -1.15
N GLY A 321 3.65 -24.27 -0.27
CA GLY A 321 3.30 -25.00 0.97
C GLY A 321 2.77 -24.05 2.05
N LEU A 322 2.19 -24.61 3.11
CA LEU A 322 1.39 -23.84 4.10
C LEU A 322 1.82 -24.25 5.48
N ALA A 323 2.95 -24.94 5.59
CA ALA A 323 3.46 -25.52 6.87
C ALA A 323 4.92 -25.10 7.14
N GLY A 324 5.13 -24.33 8.22
CA GLY A 324 6.45 -24.08 8.82
C GLY A 324 7.40 -23.40 7.83
N GLY A 325 8.58 -23.97 7.64
CA GLY A 325 9.55 -23.52 6.63
C GLY A 325 9.10 -23.82 5.20
N THR A 326 8.03 -24.59 5.01
CA THR A 326 7.46 -24.82 3.66
C THR A 326 6.37 -23.79 3.34
N GLU A 327 6.02 -22.94 4.31
CA GLU A 327 5.07 -21.81 4.05
C GLU A 327 5.78 -20.87 3.09
N GLY A 328 5.23 -20.73 1.88
CA GLY A 328 5.60 -19.68 0.90
C GLY A 328 6.88 -20.04 0.15
N ILE A 329 7.14 -21.33 -0.04
CA ILE A 329 8.06 -21.84 -1.08
C ILE A 329 7.23 -22.70 -2.04
N PHE A 330 7.51 -22.63 -3.33
CA PHE A 330 6.93 -23.52 -4.36
C PHE A 330 6.92 -24.95 -3.83
N ASP A 331 5.75 -25.59 -3.82
CA ASP A 331 5.54 -26.98 -3.37
C ASP A 331 5.82 -27.92 -4.53
N PRO A 332 6.91 -28.71 -4.49
CA PRO A 332 7.29 -29.55 -5.63
C PRO A 332 6.40 -30.80 -5.84
N ASN A 333 5.62 -31.21 -4.81
CA ASN A 333 4.71 -32.39 -4.84
C ASN A 333 3.40 -32.06 -5.56
N ASN A 334 3.08 -30.76 -5.64
CA ASN A 334 1.83 -30.20 -6.20
C ASN A 334 2.22 -29.13 -7.23
N ALA A 335 3.14 -29.46 -8.13
CA ALA A 335 3.69 -28.53 -9.14
C ALA A 335 2.55 -27.99 -10.01
N GLY A 336 2.72 -26.77 -10.51
CA GLY A 336 1.81 -26.13 -11.48
C GLY A 336 1.11 -24.95 -10.84
N PHE A 337 0.33 -24.21 -11.62
CA PHE A 337 -0.37 -22.96 -11.23
C PHE A 337 -1.75 -23.32 -10.65
N TYR A 338 -2.17 -22.63 -9.60
CA TYR A 338 -3.61 -22.44 -9.23
C TYR A 338 -4.01 -21.01 -9.55
N THR A 339 -5.30 -20.72 -9.56
CA THR A 339 -5.83 -19.35 -9.77
C THR A 339 -6.82 -19.01 -8.66
N ALA A 340 -6.49 -18.01 -7.83
CA ALA A 340 -7.39 -17.37 -6.86
C ALA A 340 -8.19 -16.29 -7.58
N THR A 341 -9.47 -16.19 -7.30
CA THR A 341 -10.36 -15.22 -7.97
C THR A 341 -11.02 -14.35 -6.91
N LEU A 342 -10.88 -13.04 -7.08
CA LEU A 342 -11.51 -12.01 -6.26
C LEU A 342 -12.51 -11.29 -7.15
N ARG A 343 -13.80 -11.41 -6.80
CA ARG A 343 -14.89 -10.59 -7.33
C ARG A 343 -15.22 -9.59 -6.24
N ASP A 344 -14.99 -8.32 -6.51
CA ASP A 344 -15.28 -7.20 -5.58
C ASP A 344 -16.29 -6.29 -6.26
N LEU A 345 -17.38 -6.02 -5.54
CA LEU A 345 -18.54 -5.23 -5.97
C LEU A 345 -18.63 -4.01 -5.06
N THR A 346 -18.66 -2.80 -5.63
CA THR A 346 -18.79 -1.56 -4.87
C THR A 346 -19.86 -0.68 -5.50
N ALA A 347 -20.81 -0.23 -4.68
CA ALA A 347 -21.80 0.81 -5.00
C ALA A 347 -21.81 1.85 -3.87
N HIS A 348 -21.87 3.12 -4.25
CA HIS A 348 -21.70 4.30 -3.37
C HIS A 348 -22.68 5.40 -3.82
N GLY A 349 -23.35 6.03 -2.86
CA GLY A 349 -24.18 7.24 -3.10
C GLY A 349 -23.83 8.34 -2.13
N GLU A 350 -23.80 9.59 -2.60
CA GLU A 350 -23.61 10.80 -1.76
C GLU A 350 -24.34 11.97 -2.40
N VAL A 351 -24.78 12.91 -1.56
CA VAL A 351 -25.34 14.24 -1.96
C VAL A 351 -24.63 15.33 -1.15
N ASN A 352 -24.75 16.58 -1.57
CA ASN A 352 -24.08 17.73 -0.94
C ASN A 352 -25.04 18.92 -0.92
N LEU A 353 -25.47 19.31 0.28
CA LEU A 353 -26.52 20.34 0.53
C LEU A 353 -25.89 21.56 1.20
N PRO A 354 -25.68 22.67 0.46
CA PRO A 354 -25.61 24.00 1.06
C PRO A 354 -26.80 24.23 2.01
N LEU A 355 -26.54 24.64 3.26
CA LEU A 355 -27.56 25.06 4.27
C LEU A 355 -27.27 26.50 4.72
N HIS A 356 -28.30 27.35 4.78
CA HIS A 356 -28.22 28.74 5.31
C HIS A 356 -28.99 28.79 6.63
N LEU A 357 -28.26 28.84 7.74
CA LEU A 357 -28.75 28.54 9.11
C LEU A 357 -28.00 29.44 10.12
N GLY A 358 -28.37 29.36 11.41
CA GLY A 358 -27.73 30.10 12.52
C GLY A 358 -26.20 30.04 12.46
N TYR A 359 -25.64 29.02 11.78
CA TYR A 359 -24.25 28.98 11.24
C TYR A 359 -24.29 28.46 9.80
N GLU A 360 -23.43 29.02 8.93
CA GLU A 360 -23.32 28.70 7.46
C GLU A 360 -22.57 27.35 7.30
N GLN A 361 -23.15 26.37 6.59
CA GLN A 361 -22.67 24.95 6.59
C GLN A 361 -23.05 24.24 5.28
N THR A 362 -22.42 23.07 5.02
CA THR A 362 -22.70 22.17 3.86
C THR A 362 -22.77 20.71 4.33
N LEU A 363 -23.91 20.06 4.08
CA LEU A 363 -24.23 18.69 4.58
C LEU A 363 -24.10 17.67 3.44
N THR A 364 -23.43 16.55 3.70
CA THR A 364 -23.24 15.40 2.77
C THR A 364 -23.87 14.15 3.39
N LEU A 365 -24.78 13.49 2.66
CA LEU A 365 -25.45 12.23 3.10
C LEU A 365 -25.07 11.12 2.13
N GLY A 366 -24.73 9.92 2.64
CA GLY A 366 -24.17 8.81 1.82
C GLY A 366 -24.45 7.41 2.39
N SER A 367 -24.82 6.49 1.50
CA SER A 367 -24.71 5.03 1.73
C SER A 367 -23.48 4.49 1.00
N GLU A 368 -22.98 3.32 1.44
CA GLU A 368 -22.02 2.49 0.66
C GLU A 368 -22.37 1.01 0.83
N TRP A 369 -22.27 0.24 -0.26
CA TRP A 369 -22.41 -1.24 -0.27
C TRP A 369 -21.21 -1.88 -1.00
N THR A 370 -20.57 -2.86 -0.35
CA THR A 370 -19.44 -3.63 -0.91
C THR A 370 -19.67 -5.12 -0.69
N GLU A 371 -19.27 -5.95 -1.66
CA GLU A 371 -19.20 -7.43 -1.57
C GLU A 371 -17.83 -7.88 -2.07
N GLN A 372 -17.13 -8.64 -1.24
CA GLN A 372 -15.85 -9.34 -1.57
C GLN A 372 -16.15 -10.85 -1.62
N LYS A 373 -16.20 -11.46 -2.81
CA LYS A 373 -16.12 -12.94 -2.98
C LYS A 373 -14.67 -13.30 -3.26
N LEU A 374 -14.13 -14.25 -2.52
CA LEU A 374 -12.77 -14.81 -2.76
C LEU A 374 -12.89 -16.32 -2.98
N ASP A 375 -12.49 -16.77 -4.16
CA ASP A 375 -12.28 -18.20 -4.48
C ASP A 375 -10.78 -18.49 -4.56
N ASP A 376 -10.26 -19.21 -3.57
CA ASP A 376 -8.81 -19.56 -3.42
C ASP A 376 -8.67 -21.08 -3.28
N PRO A 377 -8.28 -21.81 -4.36
CA PRO A 377 -8.28 -23.27 -4.34
C PRO A 377 -7.06 -23.94 -3.66
N SER A 378 -6.23 -23.18 -2.97
CA SER A 378 -4.86 -23.58 -2.53
C SER A 378 -4.74 -23.37 -1.01
N SER A 379 -5.14 -22.21 -0.53
CA SER A 379 -4.84 -21.69 0.84
C SER A 379 -5.52 -22.54 1.91
N ASN A 380 -6.60 -23.23 1.57
CA ASN A 380 -7.39 -24.03 2.53
C ASN A 380 -7.08 -25.53 2.42
N THR A 381 -5.84 -25.91 2.12
CA THR A 381 -5.50 -27.31 1.79
C THR A 381 -4.52 -27.90 2.81
N GLN A 382 -4.02 -27.12 3.75
CA GLN A 382 -3.19 -27.71 4.85
C GLN A 382 -4.02 -28.83 5.46
N ASN A 383 -3.41 -29.96 5.73
CA ASN A 383 -4.12 -31.17 6.22
C ASN A 383 -3.60 -31.50 7.62
N THR A 384 -4.28 -32.40 8.31
CA THR A 384 -4.19 -32.54 9.78
C THR A 384 -3.60 -33.91 10.11
N GLU A 385 -2.89 -34.52 9.17
CA GLU A 385 -2.43 -35.93 9.29
C GLU A 385 -1.29 -35.99 10.32
N GLU A 386 -0.53 -34.91 10.43
CA GLU A 386 0.70 -34.84 11.26
C GLU A 386 0.39 -34.28 12.65
N GLY A 387 -0.24 -33.10 12.75
CA GLY A 387 -0.56 -32.42 14.01
C GLY A 387 -1.82 -32.98 14.68
N GLY A 388 -2.50 -33.91 14.04
CA GLY A 388 -3.78 -34.47 14.54
C GLY A 388 -4.93 -33.62 14.02
N SER A 389 -6.16 -34.11 14.12
CA SER A 389 -7.35 -33.50 13.48
C SER A 389 -8.00 -32.46 14.42
N ILE A 390 -8.76 -31.53 13.86
CA ILE A 390 -9.25 -30.31 14.57
C ILE A 390 -10.77 -30.29 14.55
N PRO A 391 -11.44 -30.51 15.72
CA PRO A 391 -12.87 -30.69 15.73
C PRO A 391 -13.49 -29.47 15.04
N GLY A 392 -14.35 -29.70 14.04
CA GLY A 392 -15.03 -28.64 13.28
C GLY A 392 -14.33 -28.31 11.97
N LEU A 393 -13.15 -28.86 11.71
CA LEU A 393 -12.39 -28.57 10.47
C LEU A 393 -12.11 -29.86 9.71
N ALA A 394 -12.69 -30.04 8.53
CA ALA A 394 -12.42 -31.18 7.63
C ALA A 394 -10.96 -31.10 7.19
N GLY A 395 -10.24 -32.22 7.19
CA GLY A 395 -8.80 -32.30 6.86
C GLY A 395 -8.51 -32.16 5.37
N LYS A 396 -9.46 -32.52 4.50
CA LYS A 396 -9.32 -32.41 3.01
C LYS A 396 -10.63 -31.87 2.38
N ASN A 397 -10.50 -31.16 1.27
CA ASN A 397 -11.65 -30.68 0.44
C ASN A 397 -12.52 -29.72 1.25
N ARG A 398 -11.90 -28.89 2.09
CA ARG A 398 -12.53 -27.69 2.70
C ARG A 398 -12.96 -26.72 1.61
N SER A 399 -13.99 -25.92 1.85
CA SER A 399 -14.48 -24.88 0.92
C SER A 399 -13.29 -24.04 0.43
N SER A 400 -13.37 -23.51 -0.81
CA SER A 400 -12.41 -22.52 -1.37
C SER A 400 -12.91 -21.10 -1.15
N SER A 401 -14.12 -20.97 -0.62
CA SER A 401 -14.96 -19.75 -0.77
C SER A 401 -14.98 -18.94 0.52
N SER A 402 -14.84 -17.62 0.40
CA SER A 402 -14.97 -16.61 1.46
C SER A 402 -15.73 -15.43 0.88
N SER A 403 -16.40 -14.67 1.72
CA SER A 403 -17.19 -13.48 1.31
C SER A 403 -17.43 -12.60 2.52
N ALA A 404 -17.57 -11.30 2.32
CA ALA A 404 -18.12 -10.37 3.33
C ALA A 404 -18.87 -9.28 2.60
N ARG A 405 -19.99 -8.87 3.13
CA ARG A 405 -20.69 -7.63 2.74
C ARG A 405 -20.57 -6.65 3.91
N ILE A 406 -20.18 -5.41 3.61
CA ILE A 406 -20.36 -4.23 4.52
C ILE A 406 -21.43 -3.32 3.93
N PHE A 407 -22.48 -3.00 4.70
CA PHE A 407 -23.37 -1.84 4.45
C PHE A 407 -22.99 -0.68 5.35
N SER A 408 -23.00 0.54 4.76
CA SER A 408 -22.47 1.79 5.36
C SER A 408 -23.47 2.93 5.11
N LEU A 409 -23.76 3.70 6.15
CA LEU A 409 -24.39 5.04 6.04
C LEU A 409 -23.46 6.05 6.73
N PHE A 410 -23.42 7.28 6.22
CA PHE A 410 -22.57 8.38 6.74
C PHE A 410 -23.17 9.74 6.36
N ALA A 411 -22.91 10.75 7.19
CA ALA A 411 -23.20 12.18 6.93
C ALA A 411 -22.00 13.03 7.40
N GLU A 412 -21.60 14.00 6.61
CA GLU A 412 -20.56 14.98 6.98
C GLU A 412 -21.23 16.35 7.07
N ASP A 413 -21.00 17.08 8.15
CA ASP A 413 -21.46 18.49 8.23
C ASP A 413 -20.28 19.45 8.39
N ASN A 414 -20.11 20.26 7.33
CA ASN A 414 -18.95 21.12 7.04
C ASN A 414 -19.31 22.55 7.44
N ILE A 415 -19.13 22.89 8.71
CA ILE A 415 -19.71 24.09 9.36
C ILE A 415 -18.67 25.22 9.38
N GLU A 416 -19.05 26.40 8.86
CA GLU A 416 -18.28 27.67 8.90
C GLU A 416 -18.82 28.53 10.06
N LEU A 417 -18.13 28.50 11.21
CA LEU A 417 -18.51 29.20 12.48
C LEU A 417 -18.28 30.71 12.31
N MET A 418 -17.15 31.07 11.70
CA MET A 418 -16.77 32.45 11.28
C MET A 418 -15.73 32.35 10.18
N PRO A 419 -15.79 33.22 9.13
CA PRO A 419 -14.91 33.09 7.96
C PRO A 419 -13.47 32.65 8.31
N GLY A 420 -12.97 31.58 7.68
CA GLY A 420 -11.62 31.04 7.91
C GLY A 420 -11.64 29.78 8.77
N THR A 421 -12.50 29.73 9.79
CA THR A 421 -12.76 28.55 10.67
C THR A 421 -13.72 27.57 9.94
N MET A 422 -13.46 26.25 10.03
CA MET A 422 -14.41 25.14 9.64
C MET A 422 -14.46 24.10 10.75
N LEU A 423 -15.65 23.73 11.21
CA LEU A 423 -15.85 22.54 12.06
C LEU A 423 -16.62 21.51 11.24
N THR A 424 -16.09 20.29 11.16
CA THR A 424 -16.64 19.20 10.32
C THR A 424 -16.81 17.96 11.20
N PRO A 425 -18.00 17.79 11.83
CA PRO A 425 -18.42 16.50 12.37
C PRO A 425 -19.04 15.57 11.32
N GLY A 426 -18.75 14.29 11.44
CA GLY A 426 -19.33 13.22 10.61
C GLY A 426 -19.53 11.95 11.41
N LEU A 427 -20.59 11.22 11.10
CA LEU A 427 -20.89 9.89 11.67
C LEU A 427 -20.84 8.91 10.53
N ARG A 428 -20.05 7.84 10.67
CA ARG A 428 -20.13 6.66 9.78
C ARG A 428 -20.56 5.47 10.62
N TRP A 429 -21.55 4.74 10.12
CA TRP A 429 -22.02 3.45 10.67
C TRP A 429 -21.90 2.40 9.58
N ASP A 430 -21.40 1.23 9.94
CA ASP A 430 -21.15 0.10 9.03
C ASP A 430 -21.75 -1.16 9.66
N HIS A 431 -22.52 -1.94 8.86
CA HIS A 431 -22.91 -3.34 9.17
C HIS A 431 -22.02 -4.27 8.35
N HIS A 432 -21.09 -4.94 9.02
CA HIS A 432 -20.36 -6.12 8.51
C HIS A 432 -21.19 -7.37 8.81
N ASP A 433 -21.47 -8.17 7.79
CA ASP A 433 -22.46 -9.27 7.87
C ASP A 433 -21.89 -10.45 8.68
N ILE A 434 -20.66 -10.36 9.16
CA ILE A 434 -20.08 -11.37 10.10
C ILE A 434 -19.70 -10.66 11.41
N VAL A 435 -18.88 -9.65 11.34
CA VAL A 435 -18.22 -9.05 12.53
C VAL A 435 -19.24 -8.23 13.32
N GLY A 436 -20.22 -7.66 12.64
CA GLY A 436 -21.35 -6.94 13.27
C GLY A 436 -21.33 -5.46 12.96
N ASP A 437 -21.70 -4.64 13.94
CA ASP A 437 -21.92 -3.19 13.78
C ASP A 437 -20.65 -2.44 14.16
N ASN A 438 -20.28 -1.44 13.39
CA ASN A 438 -19.20 -0.49 13.72
C ASN A 438 -19.72 0.95 13.67
N TRP A 439 -19.38 1.76 14.71
CA TRP A 439 -19.59 3.22 14.80
C TRP A 439 -18.24 3.95 14.71
N SER A 440 -18.00 4.62 13.59
CA SER A 440 -16.80 5.48 13.30
C SER A 440 -17.22 6.95 13.29
N PRO A 441 -17.25 7.64 14.46
CA PRO A 441 -17.50 9.09 14.50
C PRO A 441 -16.22 9.85 14.19
N SER A 442 -16.33 11.12 13.79
CA SER A 442 -15.17 12.00 13.46
C SER A 442 -15.49 13.47 13.74
N LEU A 443 -14.45 14.27 13.97
CA LEU A 443 -14.53 15.74 14.14
C LEU A 443 -13.23 16.40 13.69
N ASN A 444 -13.31 17.32 12.75
CA ASN A 444 -12.14 18.02 12.17
C ASN A 444 -12.36 19.54 12.23
N LEU A 445 -11.48 20.22 12.98
CA LEU A 445 -11.42 21.69 13.18
C LEU A 445 -10.21 22.24 12.41
N SER A 446 -10.42 23.32 11.67
CA SER A 446 -9.35 24.17 11.08
C SER A 446 -9.64 25.64 11.41
N HIS A 447 -8.63 26.36 11.88
CA HIS A 447 -8.74 27.72 12.50
C HIS A 447 -7.68 28.67 11.87
N ALA A 448 -8.13 29.68 11.11
CA ALA A 448 -7.32 30.87 10.80
C ALA A 448 -7.09 31.62 12.12
N LEU A 449 -5.87 31.55 12.64
CA LEU A 449 -5.43 32.41 13.77
C LEU A 449 -5.00 33.75 13.18
N THR A 450 -4.32 33.68 12.05
CA THR A 450 -3.94 34.85 11.19
C THR A 450 -4.20 34.46 9.75
N GLU A 451 -4.32 35.42 8.87
CA GLU A 451 -4.40 35.25 7.39
C GLU A 451 -3.19 34.44 6.87
N ARG A 452 -2.17 34.20 7.69
CA ARG A 452 -0.96 33.49 7.24
C ARG A 452 -0.78 32.19 8.01
N VAL A 453 -1.51 32.04 9.09
CA VAL A 453 -1.35 30.90 10.05
C VAL A 453 -2.69 30.25 10.25
N THR A 454 -2.70 28.91 10.21
CA THR A 454 -3.88 28.04 10.35
C THR A 454 -3.55 26.90 11.30
N LEU A 455 -4.35 26.73 12.34
CA LEU A 455 -4.29 25.57 13.26
C LEU A 455 -5.29 24.53 12.78
N LYS A 456 -4.92 23.24 12.82
CA LYS A 456 -5.83 22.10 12.55
C LYS A 456 -5.72 21.11 13.71
N ALA A 457 -6.87 20.67 14.22
CA ALA A 457 -7.01 19.54 15.17
C ALA A 457 -8.07 18.58 14.63
N GLY A 458 -7.89 17.29 14.86
CA GLY A 458 -8.80 16.24 14.39
C GLY A 458 -8.70 15.02 15.30
N ILE A 459 -9.83 14.42 15.63
CA ILE A 459 -9.92 13.14 16.36
C ILE A 459 -11.04 12.35 15.71
N ALA A 460 -10.73 11.17 15.17
CA ALA A 460 -11.71 10.22 14.59
C ALA A 460 -11.41 8.81 15.08
N ARG A 461 -12.40 7.91 14.99
CA ARG A 461 -12.25 6.45 15.20
C ARG A 461 -12.40 5.79 13.82
N ALA A 462 -11.30 5.29 13.26
CA ALA A 462 -11.27 4.66 11.93
C ALA A 462 -11.56 3.18 12.09
N TYR A 463 -11.76 2.48 10.97
CA TYR A 463 -12.40 1.15 10.92
C TYR A 463 -11.54 0.20 10.08
N LYS A 464 -11.35 -1.04 10.56
CA LYS A 464 -10.71 -2.14 9.80
C LYS A 464 -11.50 -3.44 9.95
N ALA A 465 -12.20 -3.89 8.90
CA ALA A 465 -12.81 -5.23 8.83
C ALA A 465 -11.72 -6.27 8.64
N PRO A 466 -11.75 -7.38 9.41
CA PRO A 466 -10.81 -8.49 9.20
C PRO A 466 -10.79 -8.88 7.73
N ASN A 467 -9.63 -9.28 7.19
CA ASN A 467 -9.49 -9.77 5.81
C ASN A 467 -10.04 -11.20 5.77
N LEU A 468 -10.43 -11.70 4.60
CA LEU A 468 -11.17 -12.99 4.45
C LEU A 468 -10.27 -14.18 4.80
N TYR A 469 -8.97 -14.00 4.93
CA TYR A 469 -8.05 -15.05 5.40
C TYR A 469 -8.14 -15.14 6.93
N GLN A 470 -8.00 -14.02 7.61
CA GLN A 470 -8.05 -13.95 9.10
C GLN A 470 -9.38 -14.53 9.57
N LEU A 471 -10.44 -14.30 8.80
CA LEU A 471 -11.86 -14.50 9.22
C LEU A 471 -12.30 -15.96 9.03
N ASN A 472 -11.54 -16.77 8.29
CA ASN A 472 -12.04 -18.04 7.68
C ASN A 472 -11.57 -19.26 8.49
N PRO A 473 -12.47 -19.93 9.25
CA PRO A 473 -12.08 -21.12 9.99
C PRO A 473 -11.58 -22.30 9.12
N ASP A 474 -11.62 -22.18 7.81
CA ASP A 474 -11.11 -23.21 6.88
C ASP A 474 -9.61 -22.91 6.55
N TYR A 475 -9.14 -21.70 6.85
CA TYR A 475 -7.74 -21.27 6.59
C TYR A 475 -6.84 -21.69 7.73
N LEU A 476 -5.85 -22.52 7.43
CA LEU A 476 -5.12 -23.36 8.41
C LEU A 476 -3.64 -23.44 8.02
N LEU A 477 -2.78 -22.89 8.86
CA LEU A 477 -1.32 -23.01 8.75
C LEU A 477 -0.83 -23.93 9.86
N TYR A 478 0.35 -24.52 9.67
CA TYR A 478 0.95 -25.51 10.59
C TYR A 478 2.45 -25.20 10.75
N SER A 479 2.94 -25.43 11.95
CA SER A 479 4.38 -25.50 12.26
C SER A 479 4.61 -26.67 13.23
N ALA A 480 5.74 -27.32 13.10
CA ALA A 480 6.20 -28.37 14.03
C ALA A 480 6.76 -27.77 15.33
N GLY A 481 6.84 -26.43 15.41
CA GLY A 481 7.24 -25.73 16.63
C GLY A 481 7.88 -24.40 16.36
N GLN A 482 8.76 -24.34 15.34
CA GLN A 482 9.74 -23.21 15.16
C GLN A 482 8.98 -21.89 15.07
N GLY A 483 7.69 -21.95 14.68
CA GLY A 483 6.84 -20.75 14.46
C GLY A 483 5.73 -20.60 15.51
N CYS A 484 5.81 -21.32 16.62
CA CYS A 484 4.73 -21.41 17.64
C CYS A 484 5.06 -20.55 18.86
N TYR A 485 4.14 -19.67 19.24
CA TYR A 485 4.37 -18.68 20.33
C TYR A 485 4.33 -19.38 21.68
N GLY A 486 5.45 -19.32 22.42
CA GLY A 486 5.54 -19.71 23.85
C GLY A 486 5.69 -21.21 24.03
N GLN A 487 6.32 -21.90 23.08
CA GLN A 487 6.49 -23.38 23.07
C GLN A 487 7.26 -23.83 21.82
N SER A 488 7.74 -25.07 21.81
CA SER A 488 8.47 -25.69 20.66
C SER A 488 7.66 -26.81 20.02
N THR A 489 6.50 -27.17 20.60
CA THR A 489 5.59 -28.24 20.09
C THR A 489 4.99 -27.80 18.76
N SER A 490 4.54 -28.76 17.94
CA SER A 490 3.66 -28.55 16.77
C SER A 490 2.50 -27.65 17.18
N CYS A 491 2.05 -26.79 16.27
CA CYS A 491 0.85 -25.95 16.44
C CYS A 491 0.25 -25.61 15.10
N TYR A 492 -1.06 -25.44 15.11
CA TYR A 492 -1.91 -24.92 14.02
C TYR A 492 -2.25 -23.45 14.29
N LEU A 493 -2.31 -22.65 13.23
CA LEU A 493 -2.97 -21.34 13.26
C LEU A 493 -4.21 -21.39 12.41
N ARG A 494 -5.31 -20.85 12.90
CA ARG A 494 -6.64 -21.03 12.31
C ARG A 494 -7.38 -19.71 12.20
N GLY A 495 -8.13 -19.53 11.11
CA GLY A 495 -9.05 -18.40 10.93
C GLY A 495 -10.16 -18.42 11.97
N ASN A 496 -10.76 -17.25 12.22
CA ASN A 496 -11.59 -16.99 13.41
C ASN A 496 -12.67 -15.99 13.03
N ASP A 497 -13.89 -16.45 12.78
CA ASP A 497 -15.02 -15.59 12.32
C ASP A 497 -15.63 -14.88 13.54
N GLY A 498 -15.04 -15.14 14.72
CA GLY A 498 -15.45 -14.50 16.01
C GLY A 498 -14.75 -13.18 16.22
N LEU A 499 -13.80 -12.85 15.33
CA LEU A 499 -12.90 -11.67 15.43
C LEU A 499 -13.71 -10.38 15.51
N LYS A 500 -13.23 -9.40 16.27
CA LYS A 500 -13.72 -8.00 16.23
C LYS A 500 -12.94 -7.26 15.15
N ALA A 501 -13.57 -6.23 14.57
CA ALA A 501 -12.94 -5.24 13.68
C ALA A 501 -11.81 -4.56 14.45
N GLU A 502 -10.74 -4.14 13.77
CA GLU A 502 -9.72 -3.20 14.31
C GLU A 502 -10.32 -1.79 14.23
N THR A 503 -10.25 -1.06 15.32
CA THR A 503 -10.57 0.38 15.39
C THR A 503 -9.31 1.10 15.86
N SER A 504 -9.20 2.40 15.51
CA SER A 504 -8.10 3.31 15.86
C SER A 504 -8.68 4.71 16.07
N VAL A 505 -8.45 5.30 17.24
CA VAL A 505 -8.73 6.72 17.52
C VAL A 505 -7.52 7.53 17.04
N ASN A 506 -7.53 7.92 15.78
CA ASN A 506 -6.48 8.76 15.15
C ASN A 506 -6.64 10.22 15.60
N LYS A 507 -5.79 10.69 16.54
CA LYS A 507 -5.70 12.13 16.94
C LYS A 507 -4.60 12.81 16.11
N GLU A 508 -4.78 14.09 15.78
CA GLU A 508 -3.74 14.94 15.13
C GLU A 508 -3.96 16.41 15.46
N LEU A 509 -2.88 17.09 15.85
CA LEU A 509 -2.83 18.55 16.13
C LEU A 509 -1.68 19.14 15.29
N GLY A 510 -1.95 20.17 14.51
CA GLY A 510 -0.99 20.67 13.50
C GLY A 510 -1.13 22.17 13.28
N ILE A 511 -0.03 22.84 12.89
CA ILE A 511 -0.01 24.29 12.56
C ILE A 511 0.76 24.53 11.25
N GLU A 512 0.28 25.47 10.42
CA GLU A 512 0.91 25.81 9.12
C GLU A 512 0.89 27.35 8.91
N TYR A 513 2.06 27.92 8.63
CA TYR A 513 2.24 29.27 8.04
C TYR A 513 2.31 29.09 6.52
N SER A 514 1.55 29.90 5.79
CA SER A 514 1.55 29.93 4.31
C SER A 514 1.30 31.37 3.84
N HIS A 515 2.17 31.87 2.98
CA HIS A 515 2.11 33.27 2.46
C HIS A 515 3.14 33.43 1.35
N ASP A 516 2.70 33.69 0.12
CA ASP A 516 3.54 33.97 -1.07
C ASP A 516 4.52 32.80 -1.28
N GLY A 517 3.99 31.57 -1.31
CA GLY A 517 4.77 30.35 -1.58
C GLY A 517 5.81 30.06 -0.50
N LEU A 518 5.84 30.85 0.57
CA LEU A 518 6.48 30.43 1.84
C LEU A 518 5.52 29.54 2.59
N VAL A 519 5.88 28.28 2.79
CA VAL A 519 5.07 27.30 3.57
C VAL A 519 5.94 26.63 4.62
N ALA A 520 5.51 26.67 5.87
CA ALA A 520 6.15 26.02 7.05
C ALA A 520 5.07 25.43 7.93
N GLY A 521 5.07 24.12 8.09
CA GLY A 521 4.03 23.38 8.86
C GLY A 521 4.62 22.19 9.59
N LEU A 522 4.05 21.89 10.77
CA LEU A 522 4.45 20.74 11.60
C LEU A 522 3.19 20.16 12.25
N THR A 523 2.97 18.86 12.11
CA THR A 523 1.83 18.12 12.69
C THR A 523 2.36 17.03 13.62
N TYR A 524 1.76 16.93 14.80
CA TYR A 524 1.82 15.77 15.72
C TYR A 524 0.59 14.90 15.48
N PHE A 525 0.77 13.59 15.41
CA PHE A 525 -0.32 12.59 15.26
C PHE A 525 -0.10 11.46 16.26
N ARG A 526 -1.19 10.99 16.86
CA ARG A 526 -1.22 9.76 17.68
C ARG A 526 -2.44 8.95 17.29
N ASN A 527 -2.22 7.71 16.86
CA ASN A 527 -3.30 6.73 16.55
C ASN A 527 -3.29 5.68 17.67
N ASP A 528 -4.35 5.60 18.46
CA ASP A 528 -4.51 4.54 19.49
C ASP A 528 -5.22 3.37 18.82
N TYR A 529 -4.57 2.22 18.78
CA TYR A 529 -4.90 1.09 17.88
C TYR A 529 -5.51 0.01 18.77
N LYS A 530 -6.78 -0.33 18.55
CA LYS A 530 -7.52 -1.32 19.40
C LYS A 530 -7.91 -2.53 18.55
N ASN A 531 -7.56 -3.73 19.01
CA ASN A 531 -8.01 -5.02 18.45
C ASN A 531 -7.24 -5.33 17.15
N LYS A 532 -6.04 -4.76 16.97
CA LYS A 532 -5.14 -5.16 15.86
C LYS A 532 -5.12 -6.70 15.76
N ILE A 533 -5.49 -7.23 14.59
CA ILE A 533 -5.62 -8.70 14.31
C ILE A 533 -4.26 -9.26 13.90
N GLU A 534 -3.90 -10.43 14.44
CA GLU A 534 -2.50 -10.92 14.50
C GLU A 534 -2.52 -12.40 14.93
N SER A 535 -1.53 -13.20 14.53
CA SER A 535 -1.40 -14.62 14.95
C SER A 535 -1.41 -14.67 16.48
N GLY A 536 -2.22 -15.54 17.09
CA GLY A 536 -2.45 -15.55 18.55
C GLY A 536 -1.21 -15.96 19.34
N LEU A 537 -1.25 -15.76 20.66
CA LEU A 537 -0.11 -16.01 21.58
C LEU A 537 -0.37 -17.24 22.48
N SER A 538 -1.64 -17.53 22.82
CA SER A 538 -2.08 -18.70 23.62
C SER A 538 -2.82 -19.71 22.74
N PRO A 539 -2.54 -21.02 22.88
CA PRO A 539 -3.43 -22.05 22.38
C PRO A 539 -4.85 -21.87 22.94
N VAL A 540 -5.87 -21.92 22.09
CA VAL A 540 -7.29 -21.98 22.54
C VAL A 540 -7.68 -23.44 22.77
N ASP A 541 -6.95 -24.38 22.16
CA ASP A 541 -7.37 -25.80 22.02
C ASP A 541 -6.14 -26.66 21.71
N HIS A 542 -6.33 -27.97 21.57
CA HIS A 542 -5.32 -28.93 21.09
C HIS A 542 -6.00 -29.95 20.16
N ALA A 543 -5.45 -30.15 18.97
CA ALA A 543 -5.91 -31.20 18.02
C ALA A 543 -5.72 -32.57 18.67
N SER A 544 -6.22 -33.63 18.03
CA SER A 544 -6.07 -35.03 18.51
C SER A 544 -5.53 -35.92 17.39
N GLY A 545 -4.51 -36.71 17.71
CA GLY A 545 -3.94 -37.74 16.82
C GLY A 545 -2.76 -37.17 16.08
N GLY A 546 -2.38 -37.77 14.96
CA GLY A 546 -1.20 -37.38 14.17
C GLY A 546 -0.01 -38.24 14.51
N LYS A 547 1.19 -37.79 14.14
CA LYS A 547 2.42 -38.64 14.05
C LYS A 547 3.45 -38.21 15.10
N GLY A 548 3.86 -39.14 15.97
CA GLY A 548 5.06 -39.03 16.84
C GLY A 548 4.98 -37.81 17.72
N ASP A 549 6.08 -37.04 17.79
CA ASP A 549 6.28 -35.91 18.75
C ASP A 549 5.40 -34.73 18.33
N TYR A 550 4.92 -34.72 17.08
CA TYR A 550 4.08 -33.66 16.46
C TYR A 550 2.58 -33.86 16.79
N ALA A 551 2.19 -35.05 17.26
CA ALA A 551 0.78 -35.42 17.54
C ALA A 551 0.17 -34.38 18.51
N ASN A 552 -1.16 -34.26 18.45
CA ASN A 552 -2.00 -33.48 19.41
C ASN A 552 -1.52 -32.03 19.48
N ALA A 553 -1.15 -31.46 18.33
CA ALA A 553 -0.59 -30.10 18.20
C ALA A 553 -1.52 -29.07 18.89
N ALA A 554 -0.95 -27.96 19.34
CA ALA A 554 -1.69 -26.82 19.90
C ALA A 554 -2.41 -26.07 18.77
N ILE A 555 -3.59 -25.52 19.05
CA ILE A 555 -4.41 -24.70 18.11
C ILE A 555 -4.42 -23.25 18.59
N TYR A 556 -3.84 -22.34 17.80
CA TYR A 556 -3.97 -20.87 17.94
C TYR A 556 -4.93 -20.35 16.87
N GLN A 557 -5.61 -19.24 17.15
CA GLN A 557 -6.39 -18.48 16.13
C GLN A 557 -5.74 -17.13 15.86
N TRP A 558 -6.22 -16.45 14.82
CA TRP A 558 -6.08 -15.00 14.64
C TRP A 558 -6.84 -14.34 15.79
N GLU A 559 -6.13 -13.59 16.63
CA GLU A 559 -6.68 -12.88 17.81
C GLU A 559 -6.74 -11.38 17.50
N ASN A 560 -7.56 -10.65 18.24
CA ASN A 560 -7.53 -9.17 18.39
C ASN A 560 -6.56 -8.82 19.53
N VAL A 561 -5.47 -8.12 19.21
CA VAL A 561 -4.55 -7.50 20.23
C VAL A 561 -5.28 -6.33 20.88
N PRO A 562 -5.44 -6.31 22.23
CA PRO A 562 -6.20 -5.28 22.92
C PRO A 562 -5.79 -3.85 22.55
N LYS A 563 -4.51 -3.51 22.69
CA LYS A 563 -3.98 -2.11 22.57
C LYS A 563 -2.67 -2.07 21.79
N ALA A 564 -2.56 -1.13 20.85
CA ALA A 564 -1.28 -0.67 20.26
C ALA A 564 -1.32 0.84 20.01
N VAL A 565 -0.16 1.46 19.82
CA VAL A 565 0.00 2.94 19.65
C VAL A 565 1.03 3.21 18.56
N VAL A 566 0.69 4.09 17.62
CA VAL A 566 1.67 4.84 16.78
C VAL A 566 1.52 6.33 17.01
N GLU A 567 2.63 7.02 16.84
CA GLU A 567 2.89 8.40 17.28
C GLU A 567 4.00 8.93 16.39
N GLY A 568 3.97 10.20 16.03
CA GLY A 568 5.02 10.79 15.21
C GLY A 568 4.73 12.22 14.80
N LEU A 569 5.55 12.73 13.87
CA LEU A 569 5.56 14.13 13.43
C LEU A 569 5.57 14.14 11.92
N GLU A 570 4.80 15.03 11.32
CA GLU A 570 4.89 15.38 9.87
C GLU A 570 5.23 16.84 9.79
N GLY A 571 6.24 17.18 9.00
CA GLY A 571 6.68 18.55 8.73
C GLY A 571 6.81 18.82 7.24
N THR A 572 6.64 20.06 6.87
CA THR A 572 6.90 20.56 5.50
C THR A 572 7.48 21.96 5.63
N LEU A 573 8.39 22.36 4.76
CA LEU A 573 8.96 23.72 4.70
C LEU A 573 9.30 24.06 3.25
N THR A 574 8.68 25.10 2.69
CA THR A 574 8.94 25.55 1.29
C THR A 574 9.39 27.00 1.32
N LEU A 575 10.58 27.27 0.79
CA LEU A 575 11.20 28.61 0.70
C LEU A 575 11.45 28.92 -0.77
N PRO A 576 10.92 30.06 -1.28
CA PRO A 576 11.35 30.61 -2.57
C PRO A 576 12.69 31.36 -2.46
N LEU A 577 13.79 30.69 -2.77
CA LEU A 577 15.14 31.28 -2.64
C LEU A 577 15.20 32.55 -3.50
N ALA A 578 14.86 32.43 -4.79
CA ALA A 578 14.64 33.55 -5.74
C ALA A 578 13.42 33.23 -6.60
N ASP A 579 13.15 34.01 -7.64
CA ASP A 579 12.01 33.81 -8.56
C ASP A 579 12.15 32.46 -9.28
N GLY A 580 13.30 32.21 -9.90
CA GLY A 580 13.53 30.98 -10.67
C GLY A 580 13.71 29.72 -9.82
N LEU A 581 13.60 29.79 -8.50
CA LEU A 581 14.25 28.77 -7.62
C LEU A 581 13.44 28.50 -6.36
N LYS A 582 13.09 27.23 -6.12
CA LYS A 582 12.20 26.78 -5.03
C LYS A 582 12.88 25.64 -4.24
N TRP A 583 12.96 25.78 -2.92
CA TRP A 583 13.48 24.75 -2.01
C TRP A 583 12.32 24.17 -1.18
N SER A 584 12.05 22.90 -1.38
CA SER A 584 10.91 22.15 -0.73
C SER A 584 11.46 21.05 0.18
N ASN A 585 10.82 20.81 1.30
CA ASN A 585 11.18 19.71 2.22
C ASN A 585 9.92 19.11 2.81
N ASN A 586 9.86 17.78 2.87
CA ASN A 586 8.84 17.01 3.63
C ASN A 586 9.56 16.16 4.69
N LEU A 587 9.03 16.15 5.90
CA LEU A 587 9.63 15.41 7.07
C LEU A 587 8.61 14.44 7.67
N THR A 588 8.98 13.17 7.77
CA THR A 588 8.31 12.17 8.65
C THR A 588 9.25 11.83 9.80
N TYR A 589 8.78 11.89 11.05
CA TYR A 589 9.51 11.40 12.24
C TYR A 589 8.62 10.47 13.06
N MET A 590 9.00 9.21 13.15
CA MET A 590 8.20 8.14 13.84
C MET A 590 8.64 8.01 15.29
N LEU A 591 7.85 8.54 16.22
CA LEU A 591 8.20 8.62 17.67
C LEU A 591 8.05 7.25 18.32
N GLN A 592 6.93 6.58 18.05
CA GLN A 592 6.57 5.29 18.69
C GLN A 592 5.78 4.41 17.71
N SER A 593 5.93 3.10 17.85
CA SER A 593 5.16 2.05 17.13
C SER A 593 5.17 0.77 17.96
N LYS A 594 4.13 0.52 18.77
CA LYS A 594 4.19 -0.45 19.89
C LYS A 594 2.91 -1.30 19.93
N ASN A 595 3.05 -2.61 19.71
CA ASN A 595 2.12 -3.64 20.23
C ASN A 595 2.23 -3.64 21.75
N LYS A 596 1.20 -3.13 22.44
CA LYS A 596 1.23 -2.84 23.92
C LYS A 596 1.13 -4.16 24.69
N GLU A 597 0.76 -5.25 24.02
CA GLU A 597 0.71 -6.61 24.60
C GLU A 597 2.12 -7.17 24.73
N THR A 598 2.84 -7.29 23.60
CA THR A 598 4.20 -7.92 23.50
C THR A 598 5.30 -6.87 23.74
N GLY A 599 5.00 -5.60 23.43
CA GLY A 599 5.94 -4.47 23.53
C GLY A 599 6.86 -4.39 22.33
N ASP A 600 6.70 -5.29 21.36
CA ASP A 600 7.48 -5.28 20.10
C ASP A 600 6.88 -4.22 19.18
N VAL A 601 7.62 -3.87 18.13
CA VAL A 601 7.24 -2.87 17.09
C VAL A 601 6.16 -3.50 16.21
N LEU A 602 5.28 -2.67 15.59
CA LEU A 602 4.25 -3.11 14.60
C LEU A 602 4.90 -3.28 13.22
N SER A 603 5.41 -2.16 12.66
CA SER A 603 6.13 -2.07 11.38
C SER A 603 7.63 -1.94 11.72
N VAL A 604 8.52 -2.04 10.74
CA VAL A 604 9.87 -1.42 10.80
C VAL A 604 9.88 -0.26 9.81
N THR A 605 10.04 0.98 10.29
CA THR A 605 10.20 2.21 9.49
C THR A 605 11.54 2.84 9.83
N PRO A 606 12.03 3.78 9.02
CA PRO A 606 13.13 4.63 9.43
C PRO A 606 12.64 5.60 10.50
N ARG A 607 13.48 5.86 11.49
CA ARG A 607 13.11 6.76 12.62
C ARG A 607 12.61 8.09 12.08
N TYR A 608 13.24 8.59 11.01
CA TYR A 608 12.82 9.80 10.27
C TYR A 608 13.09 9.60 8.78
N THR A 609 12.50 10.50 7.99
CA THR A 609 12.68 10.65 6.55
C THR A 609 12.53 12.13 6.21
N LEU A 610 13.54 12.70 5.59
CA LEU A 610 13.55 14.06 5.04
C LEU A 610 13.72 13.95 3.53
N ASN A 611 12.76 14.42 2.75
CA ASN A 611 12.88 14.56 1.28
C ASN A 611 13.07 16.05 0.99
N SER A 612 14.10 16.37 0.22
CA SER A 612 14.51 17.74 -0.11
C SER A 612 14.65 17.89 -1.64
N MET A 613 13.85 18.74 -2.25
CA MET A 613 14.00 19.12 -3.68
C MET A 613 14.40 20.60 -3.80
N LEU A 614 15.42 20.88 -4.59
CA LEU A 614 15.72 22.20 -5.17
C LEU A 614 15.18 22.20 -6.60
N ASP A 615 14.28 23.11 -6.94
CA ASP A 615 13.71 23.26 -8.30
C ASP A 615 14.17 24.62 -8.87
N TRP A 616 15.09 24.59 -9.83
CA TRP A 616 15.58 25.76 -10.62
C TRP A 616 14.88 25.80 -11.98
N GLN A 617 14.15 26.88 -12.25
CA GLN A 617 13.55 27.18 -13.57
C GLN A 617 14.59 27.92 -14.44
N ALA A 618 15.73 27.29 -14.69
CA ALA A 618 16.94 27.87 -15.32
C ALA A 618 16.58 28.79 -16.52
N THR A 619 15.67 28.37 -17.41
CA THR A 619 15.21 29.19 -18.57
C THR A 619 13.69 29.07 -18.73
N ASP A 620 13.11 29.87 -19.63
CA ASP A 620 11.71 29.73 -20.09
C ASP A 620 11.44 28.25 -20.38
N ASP A 621 12.47 27.53 -20.85
CA ASP A 621 12.33 26.18 -21.47
C ASP A 621 13.03 25.09 -20.64
N LEU A 622 14.07 25.42 -19.85
CA LEU A 622 14.90 24.41 -19.13
C LEU A 622 14.63 24.50 -17.62
N SER A 623 14.19 23.39 -17.02
CA SER A 623 14.01 23.22 -15.56
C SER A 623 15.01 22.17 -15.06
N LEU A 624 15.53 22.37 -13.86
CA LEU A 624 16.57 21.51 -13.25
C LEU A 624 16.14 21.15 -11.83
N GLN A 625 16.40 19.93 -11.40
CA GLN A 625 15.97 19.42 -10.09
C GLN A 625 17.15 18.70 -9.45
N ALA A 626 17.47 19.05 -8.21
CA ALA A 626 18.29 18.26 -7.27
C ALA A 626 17.40 17.76 -6.16
N THR A 627 17.53 16.50 -5.76
CA THR A 627 16.79 15.92 -4.61
C THR A 627 17.76 15.23 -3.66
N VAL A 628 17.46 15.27 -2.37
CA VAL A 628 18.07 14.35 -1.36
C VAL A 628 16.97 13.80 -0.44
N THR A 629 17.06 12.49 -0.20
CA THR A 629 16.32 11.78 0.85
C THR A 629 17.27 11.25 1.91
N TRP A 630 17.07 11.66 3.17
CA TRP A 630 17.72 11.13 4.38
C TRP A 630 16.77 10.14 5.05
N TYR A 631 17.22 8.92 5.24
CA TYR A 631 16.57 7.89 6.07
C TYR A 631 17.31 7.81 7.42
N GLY A 632 16.55 7.91 8.50
CA GLY A 632 17.03 7.61 9.86
C GLY A 632 17.32 6.13 10.06
N LYS A 633 17.84 5.80 11.24
CA LYS A 633 18.09 4.43 11.74
C LYS A 633 16.85 3.56 11.55
N GLN A 634 17.03 2.25 11.36
CA GLN A 634 15.95 1.24 11.32
C GLN A 634 16.35 0.10 12.25
N LYS A 635 15.47 -0.24 13.24
CA LYS A 635 15.69 -1.30 14.26
C LYS A 635 14.75 -2.48 13.99
N PRO A 636 15.23 -3.73 14.02
CA PRO A 636 14.36 -4.90 13.89
C PRO A 636 13.56 -5.22 15.17
N LYS A 637 12.57 -6.11 15.06
CA LYS A 637 11.81 -6.68 16.19
C LYS A 637 12.77 -7.27 17.22
N LYS A 638 12.38 -7.23 18.51
CA LYS A 638 13.15 -7.78 19.68
C LYS A 638 12.86 -9.28 19.88
N TYR A 639 11.68 -9.74 19.49
CA TYR A 639 11.16 -11.09 19.86
C TYR A 639 10.95 -11.92 18.60
N ASP A 640 11.31 -13.22 18.65
CA ASP A 640 11.10 -14.18 17.55
C ASP A 640 9.66 -14.73 17.60
N TYR A 641 9.39 -15.78 16.85
CA TYR A 641 8.03 -16.34 16.69
C TYR A 641 7.62 -17.04 17.99
N HIS A 642 8.59 -17.36 18.83
CA HIS A 642 8.40 -18.05 20.15
C HIS A 642 7.96 -17.02 21.18
N GLY A 643 8.31 -15.75 20.94
CA GLY A 643 8.16 -14.62 21.88
C GLY A 643 9.42 -14.43 22.71
N ASP A 644 10.47 -15.21 22.40
CA ASP A 644 11.80 -15.15 23.06
C ASP A 644 12.65 -14.08 22.38
N ARG A 645 13.65 -13.56 23.10
CA ARG A 645 14.54 -12.45 22.66
C ARG A 645 15.51 -12.98 21.59
N VAL A 646 15.63 -12.29 20.45
CA VAL A 646 16.53 -12.67 19.34
C VAL A 646 17.98 -12.33 19.73
N THR A 647 18.96 -12.94 19.06
CA THR A 647 20.40 -12.92 19.42
C THR A 647 21.26 -12.82 18.14
N GLY A 648 22.54 -12.42 18.28
CA GLY A 648 23.48 -12.28 17.15
C GLY A 648 22.94 -11.34 16.09
N SER A 649 23.11 -11.69 14.80
CA SER A 649 22.87 -10.81 13.63
C SER A 649 21.36 -10.48 13.46
N ALA A 650 20.49 -11.08 14.28
CA ALA A 650 19.04 -10.75 14.34
C ALA A 650 18.85 -9.36 14.95
N ASN A 651 19.89 -8.81 15.61
CA ASN A 651 19.82 -7.51 16.31
C ASN A 651 20.34 -6.38 15.42
N ASP A 652 20.96 -6.73 14.28
CA ASP A 652 21.54 -5.76 13.31
C ASP A 652 20.56 -4.62 13.07
N GLN A 653 21.04 -3.38 13.04
CA GLN A 653 20.29 -2.18 12.65
C GLN A 653 20.86 -1.63 11.35
N LEU A 654 20.08 -0.87 10.58
CA LEU A 654 20.58 -0.08 9.43
C LEU A 654 20.88 1.33 9.92
N SER A 655 22.11 1.76 9.70
CA SER A 655 22.60 3.14 9.97
C SER A 655 21.77 4.12 9.13
N PRO A 656 21.59 5.37 9.60
CA PRO A 656 21.05 6.42 8.74
C PRO A 656 21.88 6.52 7.46
N TYR A 657 21.23 6.85 6.36
CA TYR A 657 21.88 7.05 5.04
C TYR A 657 21.04 7.98 4.20
N ALA A 658 21.66 8.58 3.18
CA ALA A 658 21.02 9.53 2.26
C ALA A 658 21.17 9.03 0.81
N ILE A 659 20.21 9.39 -0.04
CA ILE A 659 20.21 9.16 -1.50
C ILE A 659 19.97 10.50 -2.18
N ALA A 660 20.89 10.92 -3.04
CA ALA A 660 20.81 12.20 -3.77
C ALA A 660 20.54 11.93 -5.24
N GLY A 661 19.91 12.87 -5.94
CA GLY A 661 19.62 12.78 -7.39
C GLY A 661 19.59 14.15 -8.05
N LEU A 662 20.05 14.22 -9.30
CA LEU A 662 19.86 15.36 -10.24
C LEU A 662 18.98 14.91 -11.37
N GLY A 663 18.15 15.80 -11.89
CA GLY A 663 17.40 15.61 -13.15
C GLY A 663 17.21 16.95 -13.86
N GLY A 664 16.66 16.91 -15.06
CA GLY A 664 16.17 18.09 -15.77
C GLY A 664 15.05 17.69 -16.73
N THR A 665 14.30 18.68 -17.23
CA THR A 665 13.37 18.56 -18.37
C THR A 665 13.60 19.75 -19.30
N TYR A 666 14.02 19.46 -20.53
CA TYR A 666 14.23 20.45 -21.62
C TYR A 666 13.07 20.37 -22.61
N ARG A 667 12.20 21.39 -22.56
CA ARG A 667 11.03 21.56 -23.46
C ARG A 667 11.54 22.00 -24.85
N LEU A 668 11.37 21.13 -25.86
CA LEU A 668 11.78 21.36 -27.27
C LEU A 668 10.69 22.18 -27.98
N SER A 669 9.44 22.07 -27.54
CA SER A 669 8.28 22.82 -28.11
C SER A 669 7.04 22.56 -27.27
N LYS A 670 5.94 23.23 -27.60
CA LYS A 670 4.57 22.95 -27.07
C LYS A 670 4.24 21.44 -27.16
N ASN A 671 4.87 20.72 -28.10
CA ASN A 671 4.45 19.35 -28.50
C ASN A 671 5.42 18.28 -27.95
N LEU A 672 6.61 18.67 -27.49
CA LEU A 672 7.71 17.72 -27.19
C LEU A 672 8.57 18.23 -26.02
N SER A 673 8.70 17.40 -24.96
CA SER A 673 9.63 17.61 -23.82
C SER A 673 10.54 16.39 -23.65
N LEU A 674 11.78 16.61 -23.25
CA LEU A 674 12.76 15.56 -22.90
C LEU A 674 13.14 15.72 -21.42
N GLY A 675 13.30 14.59 -20.73
CA GLY A 675 13.84 14.48 -19.37
C GLY A 675 15.11 13.63 -19.36
N ALA A 676 15.94 13.82 -18.35
CA ALA A 676 17.16 13.03 -18.10
C ALA A 676 17.62 13.33 -16.68
N GLY A 677 18.26 12.36 -16.02
CA GLY A 677 18.80 12.54 -14.66
C GLY A 677 19.50 11.31 -14.13
N VAL A 678 19.80 11.34 -12.85
CA VAL A 678 20.51 10.27 -12.10
C VAL A 678 19.87 10.14 -10.74
N ASP A 679 19.30 8.96 -10.43
CA ASP A 679 18.95 8.54 -9.05
C ASP A 679 20.24 8.07 -8.37
N ASN A 680 20.35 8.31 -7.05
CA ASN A 680 21.46 7.81 -6.18
C ASN A 680 22.84 8.16 -6.76
N LEU A 681 23.10 9.46 -6.94
CA LEU A 681 24.37 10.05 -7.46
C LEU A 681 25.61 9.34 -6.87
N PHE A 682 25.66 9.15 -5.55
CA PHE A 682 26.85 8.66 -4.80
C PHE A 682 26.76 7.14 -4.52
N ASP A 683 25.92 6.42 -5.26
CA ASP A 683 25.89 4.94 -5.35
C ASP A 683 25.82 4.32 -3.96
N LYS A 684 25.06 4.90 -3.02
CA LYS A 684 24.78 4.24 -1.73
C LYS A 684 23.87 3.02 -1.97
N ARG A 685 24.36 1.82 -1.67
CA ARG A 685 23.64 0.55 -1.96
C ARG A 685 23.44 -0.27 -0.69
N LEU A 686 22.28 -0.93 -0.58
CA LEU A 686 21.94 -1.85 0.52
C LEU A 686 21.43 -3.14 -0.10
N PHE A 687 21.56 -4.23 0.65
CA PHE A 687 21.39 -5.64 0.20
C PHE A 687 20.55 -6.39 1.23
N ARG A 688 19.57 -7.14 0.78
CA ARG A 688 18.73 -7.99 1.64
C ARG A 688 19.64 -9.13 2.12
N ALA A 689 19.80 -9.29 3.43
CA ALA A 689 20.61 -10.36 4.07
C ALA A 689 19.71 -11.53 4.45
N GLY A 690 18.39 -11.31 4.40
CA GLY A 690 17.38 -12.33 4.73
C GLY A 690 16.25 -11.73 5.55
N ASN A 691 15.57 -12.57 6.33
CA ASN A 691 14.51 -12.17 7.26
C ASN A 691 15.17 -11.70 8.54
N ALA A 692 14.36 -11.20 9.47
CA ALA A 692 14.80 -10.38 10.62
C ALA A 692 15.38 -11.27 11.73
N GLN A 693 14.85 -12.47 11.91
CA GLN A 693 15.19 -13.34 13.06
C GLN A 693 15.97 -14.57 12.58
N GLY A 694 16.67 -15.25 13.50
CA GLY A 694 17.29 -16.55 13.24
C GLY A 694 16.22 -17.60 13.04
N VAL A 695 16.44 -18.55 12.14
CA VAL A 695 15.84 -19.92 12.15
C VAL A 695 16.99 -20.92 12.08
N VAL A 696 16.70 -22.22 12.18
CA VAL A 696 17.72 -23.31 12.10
C VAL A 696 18.40 -23.24 10.71
N GLY A 697 19.72 -22.97 10.69
CA GLY A 697 20.55 -23.00 9.47
C GLY A 697 20.51 -21.67 8.71
N ILE A 698 19.61 -20.75 9.06
CA ILE A 698 19.52 -19.39 8.45
C ILE A 698 19.52 -18.34 9.55
N ASP A 699 20.71 -17.81 9.89
CA ASP A 699 20.87 -16.63 10.78
C ASP A 699 19.93 -15.52 10.30
N GLY A 700 19.41 -14.72 11.23
CA GLY A 700 18.62 -13.50 10.93
C GLY A 700 19.48 -12.42 10.31
N ALA A 701 18.83 -11.40 9.75
CA ALA A 701 19.43 -10.25 9.04
C ALA A 701 18.98 -8.92 9.67
N GLY A 702 18.24 -8.98 10.79
CA GLY A 702 17.70 -7.81 11.52
C GLY A 702 16.96 -6.88 10.58
N ALA A 703 17.37 -5.62 10.52
CA ALA A 703 16.69 -4.58 9.72
C ALA A 703 17.14 -4.63 8.25
N ALA A 704 18.08 -5.49 7.91
CA ALA A 704 18.71 -5.52 6.56
C ALA A 704 17.91 -6.43 5.64
N THR A 705 16.67 -6.05 5.31
CA THR A 705 15.61 -6.95 4.75
C THR A 705 15.24 -6.58 3.32
N TYR A 706 15.82 -5.51 2.77
CA TYR A 706 15.50 -4.99 1.41
C TYR A 706 16.77 -4.56 0.69
N ASN A 707 16.67 -4.48 -0.63
CA ASN A 707 17.72 -4.02 -1.56
C ASN A 707 17.48 -2.54 -1.90
N GLU A 708 18.46 -1.67 -1.61
CA GLU A 708 18.47 -0.27 -2.10
C GLU A 708 19.30 -0.25 -3.37
N PRO A 709 18.70 0.17 -4.52
CA PRO A 709 19.41 0.20 -5.79
C PRO A 709 20.49 1.28 -5.80
N GLY A 710 21.50 1.11 -6.65
CA GLY A 710 22.66 2.01 -6.77
C GLY A 710 22.40 3.12 -7.75
N ARG A 711 23.46 3.80 -8.20
CA ARG A 711 23.40 4.86 -9.24
C ARG A 711 22.65 4.29 -10.45
N THR A 712 21.75 5.09 -11.01
CA THR A 712 20.84 4.73 -12.13
C THR A 712 20.61 5.99 -12.98
N PHE A 713 21.07 6.00 -14.21
CA PHE A 713 20.75 7.06 -15.20
C PHE A 713 19.35 6.77 -15.73
N TYR A 714 18.63 7.78 -16.18
CA TYR A 714 17.26 7.65 -16.73
C TYR A 714 17.05 8.75 -17.75
N THR A 715 16.23 8.48 -18.75
CA THR A 715 15.85 9.45 -19.83
C THR A 715 14.36 9.29 -20.12
N SER A 716 13.70 10.32 -20.60
CA SER A 716 12.24 10.35 -20.80
C SER A 716 11.91 11.31 -21.94
N LEU A 717 10.80 11.06 -22.63
CA LEU A 717 10.33 11.83 -23.79
C LEU A 717 8.79 11.85 -23.76
N THR A 718 8.18 13.04 -23.79
CA THR A 718 6.71 13.22 -23.77
C THR A 718 6.29 14.12 -24.92
N ALA A 719 5.54 13.55 -25.89
CA ALA A 719 4.89 14.26 -27.01
C ALA A 719 3.40 14.36 -26.73
N SER A 720 2.83 15.56 -26.85
CA SER A 720 1.42 15.85 -26.49
C SER A 720 0.89 16.92 -27.44
N PHE A 721 -0.37 16.77 -27.84
CA PHE A 721 -1.28 17.79 -28.38
C PHE A 721 -2.41 18.01 -27.36
FE FE B . 9.14 -25.62 10.87
O6 EB4 C . 8.19 -24.07 11.94
O4 EB4 C . 8.92 -25.93 13.02
O5 EB4 C . 7.50 -26.83 11.01
N1 EB4 C . 13.39 -27.09 10.96
C5 EB4 C . 7.49 -27.53 9.84
C4 EB4 C . 10.05 -26.51 13.50
C1 EB4 C . 11.14 -26.71 12.65
C2 EB4 C . 8.60 -27.48 8.99
C6 EB4 C . 8.57 -22.94 11.28
C8 EB4 C . 6.39 -28.28 9.49
N2 EB4 C . 10.73 -27.23 7.10
C9 EB4 C . 7.80 -21.79 11.32
C10 EB4 C . 11.31 -27.48 15.31
O3 EB4 C . 10.48 -24.09 10.54
N3 EB4 C . 12.09 -22.94 8.91
C16 EB4 C . 12.31 -27.30 13.13
C7 EB4 C . 10.15 -26.90 14.84
C3 EB4 C . 9.77 -22.94 10.55
C11 EB4 C . 6.38 -29.00 8.30
O1 EB4 C . 10.98 -26.31 11.37
O2 EB4 C . 9.65 -26.71 9.38
C12 EB4 C . 8.21 -20.65 10.64
C15 EB4 C . 9.38 -20.66 9.93
C14 EB4 C . 7.47 -28.94 7.46
C13 EB4 C . 12.37 -27.68 14.47
O7 EB4 C . 14.51 -28.03 12.68
C19 EB4 C . 13.48 -27.51 12.24
C22 EB4 C . 14.46 -27.33 10.00
C25 EB4 C . 14.87 -26.05 9.27
O10 EB4 C . 15.87 -25.96 8.59
O15 EB4 C . 14.00 -25.05 9.46
C30 EB4 C . 14.43 -23.71 9.07
C24 EB4 C . 13.37 -23.03 8.21
C21 EB4 C . 11.45 -21.78 9.08
C18 EB4 C . 10.19 -21.80 9.86
O9 EB4 C . 11.89 -20.73 8.63
C27 EB4 C . 13.22 -23.78 6.89
O12 EB4 C . 13.74 -23.46 5.85
C28 EB4 C . 14.05 -28.38 8.98
O13 EB4 C . 12.93 -27.90 8.21
C26 EB4 C . 13.16 -27.62 6.93
O11 EB4 C . 14.23 -27.75 6.38
C23 EB4 C . 11.90 -27.09 6.24
C29 EB4 C . 12.14 -25.63 5.83
O14 EB4 C . 12.43 -24.86 7.02
C20 EB4 C . 9.78 -28.15 6.85
O8 EB4 C . 9.84 -28.92 5.90
C17 EB4 C . 8.60 -28.18 7.78
#